data_6A2D
#
_entry.id   6A2D
#
_cell.length_a   132.527
_cell.length_b   132.527
_cell.length_c   141.903
_cell.angle_alpha   90.000
_cell.angle_beta   90.000
_cell.angle_gamma   90.000
#
_symmetry.space_group_name_H-M   'P 43 21 2'
#
loop_
_entity.id
_entity.type
_entity.pdbx_description
1 polymer 'Sesquisabinene B synthase 2'
2 non-polymer '[bis(chloranyl)-[oxidanyl-[(2~{E},6~{E})-3,7,11-trimethyldodeca-2,6,10-trienoxy]phosphoryl]methyl]phosphonic acid'
3 non-polymer 'MAGNESIUM ION'
4 water water
#
_entity_poly.entity_id   1
_entity_poly.type   'polypeptide(L)'
_entity_poly.pdbx_seq_one_letter_code
;MASVIVEPIRCNNDNDVISTVVDDSSVVRRAANYPPNLWDYEFLQSLGDQCTVEEKHLKLADKLKEEVKSLIKQTMEPLT
KLEFIDTVRRLGLKYQFETEVKEAVVMVSKYENDAWWIDNLHATSLRFRIMRENGIFVPQDVFERFKDTDGFKNQLCEDV
KGLLSLYEASFLGWEGEDILDEARTFATSKLKSIEGKIPSPSLAKKVSHALDLPLHWRTIRYEARWFIDTYEEEEDVNLT
LLRYAKLDFNIVQSFHQKEIGRLSRWWVGTGLDKMPFARNGLIQSYMYAIGMLFEPNLGEVREMEAKVGALITTIDDVYD
VYGTMEELELFTDITNRWDISKADQLPRNIRMPLLTMFNTSNDIGYWALKERGFNGIPCTAKVWSDQLKSYTKEAKWFHE
GHKPTLEEYLDNALVSIGFPNLLVTSYLLTVENPTKEKLDYVNSLPLFVRASCILCRIINDLGTSPDEMERGDNLKSIQC
YMNEAGASQEVAREHIEGLVRMWWKRLNKCLFEPSPFAEPFLSFTVNVVRGSHFFYQYGDGYGNAESWTKKQGMSVLIHP
IPLNEE
;
_entity_poly.pdbx_strand_id   A,B
#
# COMPACT_ATOMS: atom_id res chain seq x y z
N ASN A 33 -18.94 -0.51 -7.78
CA ASN A 33 -19.36 0.76 -7.13
C ASN A 33 -20.68 1.21 -7.73
N TYR A 34 -21.46 1.99 -6.95
CA TYR A 34 -22.65 2.71 -7.45
C TYR A 34 -22.64 4.13 -6.90
N PRO A 35 -22.82 5.18 -7.75
CA PRO A 35 -22.84 5.02 -9.20
C PRO A 35 -21.56 4.46 -9.80
N PRO A 36 -21.59 3.98 -11.06
CA PRO A 36 -20.42 3.32 -11.67
C PRO A 36 -19.30 4.31 -12.03
N ASN A 37 -18.06 3.93 -11.72
CA ASN A 37 -16.86 4.65 -12.20
C ASN A 37 -16.62 4.30 -13.68
N LEU A 38 -15.74 5.04 -14.33
CA LEU A 38 -15.32 4.85 -15.74
C LEU A 38 -15.01 3.37 -15.96
N TRP A 39 -14.20 2.82 -15.05
CA TRP A 39 -13.81 1.39 -15.00
C TRP A 39 -14.00 0.92 -13.55
N ASP A 40 -14.33 -0.35 -13.37
CA ASP A 40 -14.46 -1.00 -12.04
C ASP A 40 -13.03 -1.12 -11.46
N TYR A 41 -12.86 -0.88 -10.17
CA TYR A 41 -11.55 -0.92 -9.48
C TYR A 41 -10.95 -2.32 -9.51
N GLU A 42 -11.79 -3.36 -9.42
CA GLU A 42 -11.32 -4.76 -9.52
C GLU A 42 -10.73 -4.98 -10.92
N PHE A 43 -11.30 -4.35 -11.96
CA PHE A 43 -10.77 -4.48 -13.34
C PHE A 43 -9.42 -3.74 -13.45
N LEU A 44 -9.27 -2.63 -12.73
CA LEU A 44 -8.10 -1.74 -12.88
C LEU A 44 -6.87 -2.44 -12.28
N GLN A 45 -7.05 -3.07 -11.12
CA GLN A 45 -6.09 -4.02 -10.50
C GLN A 45 -5.81 -5.18 -11.46
N SER A 46 -6.83 -5.73 -12.10
CA SER A 46 -6.66 -6.78 -13.13
C SER A 46 -5.48 -6.42 -14.05
N LEU A 47 -5.39 -5.15 -14.46
CA LEU A 47 -4.63 -4.68 -15.65
C LEU A 47 -3.14 -5.02 -15.54
N GLY A 48 -2.53 -4.71 -14.40
CA GLY A 48 -1.07 -4.81 -14.20
C GLY A 48 -0.65 -6.23 -13.87
N ASP A 49 -1.50 -6.94 -13.13
CA ASP A 49 -1.26 -8.34 -12.69
C ASP A 49 -1.01 -9.22 -13.93
N VAL A 53 4.24 -8.02 -21.61
CA VAL A 53 4.93 -7.56 -22.86
C VAL A 53 6.11 -8.51 -23.10
N GLU A 54 5.86 -9.64 -23.76
CA GLU A 54 6.78 -10.80 -23.92
C GLU A 54 8.25 -10.33 -24.05
N GLU A 55 9.15 -11.03 -23.35
CA GLU A 55 10.62 -10.77 -23.29
C GLU A 55 11.17 -10.48 -24.70
N LYS A 56 10.59 -11.10 -25.73
CA LYS A 56 10.89 -10.82 -27.17
C LYS A 56 10.99 -9.30 -27.37
N HIS A 57 10.03 -8.55 -26.82
CA HIS A 57 9.72 -7.14 -27.18
C HIS A 57 10.68 -6.18 -26.46
N LEU A 58 11.06 -6.44 -25.21
CA LEU A 58 12.05 -5.62 -24.45
C LEU A 58 13.40 -5.65 -25.17
N LYS A 59 13.77 -6.81 -25.71
CA LYS A 59 15.02 -7.01 -26.48
C LYS A 59 14.94 -6.24 -27.80
N LEU A 60 13.84 -6.43 -28.54
CA LEU A 60 13.55 -5.67 -29.78
C LEU A 60 13.57 -4.15 -29.49
N ALA A 61 13.07 -3.74 -28.32
CA ALA A 61 12.96 -2.31 -27.94
C ALA A 61 14.35 -1.70 -27.78
N ASP A 62 15.28 -2.41 -27.14
CA ASP A 62 16.67 -1.91 -26.98
C ASP A 62 17.28 -1.78 -28.39
N LYS A 63 16.95 -2.73 -29.28
CA LYS A 63 17.55 -2.77 -30.63
C LYS A 63 17.03 -1.56 -31.41
N LEU A 64 15.71 -1.38 -31.44
CA LEU A 64 15.08 -0.24 -32.17
C LEU A 64 15.55 1.08 -31.54
N LYS A 65 15.76 1.11 -30.23
CA LYS A 65 16.20 2.35 -29.55
C LYS A 65 17.57 2.76 -30.11
N GLU A 66 18.51 1.82 -30.19
CA GLU A 66 19.86 2.10 -30.73
C GLU A 66 19.74 2.54 -32.20
N GLU A 67 18.82 1.97 -32.97
CA GLU A 67 18.62 2.37 -34.39
C GLU A 67 18.07 3.79 -34.45
N VAL A 68 17.20 4.18 -33.51
CA VAL A 68 16.67 5.56 -33.52
C VAL A 68 17.77 6.51 -33.05
N LYS A 69 18.57 6.16 -32.05
CA LYS A 69 19.76 7.01 -31.69
C LYS A 69 20.58 7.32 -32.94
N SER A 70 20.90 6.31 -33.74
CA SER A 70 21.74 6.45 -34.96
C SER A 70 21.09 7.46 -35.90
N LEU A 71 19.77 7.32 -36.12
CA LEU A 71 18.98 8.24 -36.98
C LEU A 71 19.09 9.67 -36.43
N ILE A 72 18.92 9.87 -35.13
CA ILE A 72 18.97 11.26 -34.60
C ILE A 72 20.39 11.80 -34.84
N LYS A 73 21.40 10.94 -34.70
CA LYS A 73 22.84 11.34 -34.80
C LYS A 73 23.23 11.54 -36.27
N GLN A 74 22.55 10.89 -37.21
CA GLN A 74 23.05 10.76 -38.60
C GLN A 74 22.93 12.11 -39.31
N THR A 75 23.87 12.42 -40.18
CA THR A 75 23.86 13.65 -41.00
C THR A 75 22.57 13.69 -41.81
N MET A 76 21.83 14.78 -41.70
CA MET A 76 20.67 15.06 -42.56
C MET A 76 20.77 16.53 -42.90
N GLU A 77 20.06 16.98 -43.92
CA GLU A 77 19.80 18.42 -44.18
C GLU A 77 19.19 19.02 -42.91
N PRO A 78 19.56 20.26 -42.54
CA PRO A 78 19.12 20.84 -41.28
C PRO A 78 17.58 20.81 -41.10
N LEU A 79 16.80 21.18 -42.12
CA LEU A 79 15.33 21.15 -41.99
C LEU A 79 14.88 19.73 -41.67
N THR A 80 15.46 18.73 -42.35
CA THR A 80 15.03 17.31 -42.23
C THR A 80 15.35 16.86 -40.81
N LYS A 81 16.48 17.32 -40.27
CA LYS A 81 16.91 16.96 -38.89
C LYS A 81 15.92 17.60 -37.90
N LEU A 82 15.52 18.84 -38.09
CA LEU A 82 14.57 19.51 -37.16
C LEU A 82 13.25 18.75 -37.24
N GLU A 83 12.80 18.41 -38.45
CA GLU A 83 11.51 17.71 -38.62
C GLU A 83 11.60 16.39 -37.89
N PHE A 84 12.74 15.70 -37.99
CA PHE A 84 12.86 14.37 -37.39
C PHE A 84 12.79 14.48 -35.86
N ILE A 85 13.47 15.45 -35.24
CA ILE A 85 13.51 15.52 -33.75
C ILE A 85 12.15 16.07 -33.21
N ASP A 86 11.46 16.88 -34.00
CA ASP A 86 10.08 17.31 -33.71
C ASP A 86 9.17 16.10 -33.72
N THR A 87 9.38 15.15 -34.66
CA THR A 87 8.64 13.87 -34.73
C THR A 87 8.98 13.01 -33.53
N VAL A 88 10.24 12.89 -33.18
CA VAL A 88 10.66 12.11 -31.97
C VAL A 88 9.91 12.69 -30.76
N ARG A 89 9.85 14.00 -30.63
CA ARG A 89 9.21 14.68 -29.47
C ARG A 89 7.71 14.36 -29.46
N ARG A 90 7.04 14.47 -30.61
CA ARG A 90 5.57 14.37 -30.66
C ARG A 90 5.17 12.92 -30.45
N LEU A 91 6.03 11.98 -30.82
CA LEU A 91 5.80 10.54 -30.57
C LEU A 91 5.97 10.22 -29.09
N GLY A 92 6.39 11.16 -28.26
CA GLY A 92 6.51 10.90 -26.81
C GLY A 92 7.86 10.30 -26.45
N LEU A 93 8.88 10.50 -27.30
CA LEU A 93 10.16 9.77 -27.16
C LEU A 93 11.33 10.67 -26.76
N LYS A 94 11.14 11.98 -26.66
CA LYS A 94 12.27 12.85 -26.29
C LYS A 94 12.94 12.32 -25.00
N TYR A 95 12.18 11.79 -24.04
CA TYR A 95 12.74 11.36 -22.73
C TYR A 95 13.79 10.26 -22.94
N GLN A 96 13.68 9.49 -24.02
CA GLN A 96 14.62 8.39 -24.35
C GLN A 96 15.87 8.91 -25.09
N PHE A 97 15.89 10.16 -25.58
CA PHE A 97 16.92 10.68 -26.52
C PHE A 97 17.32 12.10 -26.15
N GLU A 98 17.30 12.44 -24.87
CA GLU A 98 17.46 13.85 -24.46
C GLU A 98 18.80 14.38 -24.98
N THR A 99 19.87 13.60 -24.82
CA THR A 99 21.25 13.93 -25.24
C THR A 99 21.32 14.08 -26.76
N GLU A 100 20.83 13.07 -27.48
CA GLU A 100 20.92 13.03 -28.96
C GLU A 100 20.11 14.20 -29.52
N VAL A 101 18.91 14.49 -28.97
CA VAL A 101 18.02 15.55 -29.51
C VAL A 101 18.67 16.90 -29.27
N LYS A 102 19.14 17.19 -28.04
CA LYS A 102 19.75 18.51 -27.74
C LYS A 102 20.98 18.71 -28.66
N GLU A 103 21.80 17.67 -28.84
CA GLU A 103 23.06 17.76 -29.62
C GLU A 103 22.74 17.99 -31.08
N ALA A 104 21.71 17.33 -31.61
CA ALA A 104 21.13 17.63 -32.95
C ALA A 104 20.74 19.10 -33.03
N VAL A 105 20.03 19.61 -32.03
CA VAL A 105 19.50 21.00 -32.07
C VAL A 105 20.68 21.97 -32.04
N VAL A 106 21.69 21.71 -31.23
CA VAL A 106 22.88 22.59 -31.10
C VAL A 106 23.60 22.61 -32.48
N MET A 107 23.87 21.45 -33.05
CA MET A 107 24.44 21.31 -34.44
C MET A 107 23.68 22.21 -35.38
N VAL A 108 22.36 22.06 -35.46
CA VAL A 108 21.54 22.83 -36.41
C VAL A 108 21.71 24.31 -36.08
N SER A 109 21.83 24.71 -34.81
CA SER A 109 22.00 26.14 -34.48
C SER A 109 23.39 26.63 -34.97
N LYS A 110 24.32 25.72 -35.22
CA LYS A 110 25.72 26.06 -35.62
C LYS A 110 25.85 26.09 -37.15
N TYR A 111 24.90 25.47 -37.89
CA TYR A 111 24.91 25.36 -39.37
C TYR A 111 25.08 26.76 -39.97
N GLU A 112 26.17 27.00 -40.70
CA GLU A 112 26.68 28.37 -41.00
C GLU A 112 25.78 29.05 -42.04
N ASN A 113 25.39 28.34 -43.08
CA ASN A 113 24.55 28.90 -44.15
C ASN A 113 23.06 28.88 -43.73
N ASP A 114 22.39 30.02 -43.80
CA ASP A 114 20.97 30.19 -43.40
C ASP A 114 20.02 30.06 -44.60
N ALA A 115 20.50 29.76 -45.82
CA ALA A 115 19.64 29.75 -47.02
C ALA A 115 18.56 28.66 -46.89
N TRP A 116 18.80 27.58 -46.14
CA TRP A 116 17.83 26.48 -45.97
C TRP A 116 16.56 26.94 -45.23
N TRP A 117 16.57 28.06 -44.46
CA TRP A 117 15.33 28.54 -43.77
C TRP A 117 14.89 29.92 -44.22
N ILE A 118 15.81 30.77 -44.64
CA ILE A 118 15.47 32.17 -45.03
C ILE A 118 14.35 32.14 -46.07
N ASP A 119 13.30 32.93 -45.88
CA ASP A 119 12.19 33.07 -46.86
C ASP A 119 11.35 31.79 -46.96
N ASN A 120 11.63 30.77 -46.15
CA ASN A 120 10.79 29.57 -46.02
C ASN A 120 9.99 29.65 -44.71
N LEU A 121 8.70 29.99 -44.77
CA LEU A 121 7.83 30.20 -43.59
C LEU A 121 7.84 28.97 -42.69
N HIS A 122 7.69 27.77 -43.24
CA HIS A 122 7.70 26.52 -42.46
C HIS A 122 9.04 26.33 -41.74
N ALA A 123 10.15 26.47 -42.44
CA ALA A 123 11.50 26.21 -41.88
C ALA A 123 11.81 27.25 -40.81
N THR A 124 11.53 28.50 -41.08
CA THR A 124 11.75 29.62 -40.16
C THR A 124 10.99 29.33 -38.85
N SER A 125 9.72 28.93 -38.98
CA SER A 125 8.77 28.75 -37.87
C SER A 125 9.24 27.61 -37.02
N LEU A 126 9.54 26.49 -37.64
CA LEU A 126 9.94 25.27 -36.93
C LEU A 126 11.29 25.54 -36.26
N ARG A 127 12.20 26.18 -36.96
CA ARG A 127 13.53 26.48 -36.40
C ARG A 127 13.34 27.34 -35.15
N PHE A 128 12.62 28.44 -35.28
CA PHE A 128 12.24 29.35 -34.18
C PHE A 128 11.73 28.53 -32.98
N ARG A 129 10.76 27.65 -33.25
CA ARG A 129 10.11 26.87 -32.16
C ARG A 129 11.11 25.91 -31.54
N ILE A 130 11.78 25.07 -32.32
CA ILE A 130 12.65 23.99 -31.76
C ILE A 130 13.80 24.63 -30.98
N MET A 131 14.37 25.70 -31.53
CA MET A 131 15.47 26.44 -30.88
C MET A 131 14.98 26.93 -29.51
N ARG A 132 13.84 27.60 -29.46
CA ARG A 132 13.34 28.21 -28.19
C ARG A 132 12.96 27.12 -27.19
N GLU A 133 12.33 26.05 -27.65
CA GLU A 133 11.99 24.88 -26.82
C GLU A 133 13.26 24.34 -26.17
N ASN A 134 14.42 24.50 -26.81
CA ASN A 134 15.69 23.93 -26.29
C ASN A 134 16.58 25.02 -25.68
N GLY A 135 16.03 26.18 -25.39
CA GLY A 135 16.74 27.24 -24.65
C GLY A 135 17.76 27.96 -25.52
N ILE A 136 17.61 27.92 -26.84
CA ILE A 136 18.47 28.67 -27.81
C ILE A 136 17.63 29.82 -28.38
N PHE A 137 17.97 31.04 -28.02
CA PHE A 137 17.17 32.23 -28.37
C PHE A 137 17.15 32.42 -29.90
N VAL A 138 15.99 32.77 -30.43
CA VAL A 138 15.84 33.22 -31.83
C VAL A 138 14.90 34.38 -31.75
N PRO A 139 15.26 35.54 -32.33
CA PRO A 139 14.43 36.74 -32.20
C PRO A 139 13.14 36.67 -33.01
N GLN A 140 12.11 37.39 -32.60
CA GLN A 140 10.84 37.41 -33.33
C GLN A 140 11.04 38.08 -34.71
N ASP A 141 12.15 38.80 -34.86
CA ASP A 141 12.51 39.57 -36.08
C ASP A 141 12.61 38.61 -37.29
N VAL A 142 12.96 37.35 -37.07
CA VAL A 142 13.04 36.35 -38.17
C VAL A 142 11.70 36.31 -38.95
N PHE A 143 10.58 36.75 -38.37
CA PHE A 143 9.25 36.69 -39.04
C PHE A 143 8.99 37.96 -39.84
N GLU A 144 9.84 38.99 -39.70
CA GLU A 144 9.53 40.34 -40.28
C GLU A 144 9.38 40.23 -41.81
N ARG A 145 10.25 39.47 -42.47
CA ARG A 145 10.27 39.38 -43.94
C ARG A 145 8.97 38.77 -44.48
N PHE A 146 8.13 38.14 -43.64
CA PHE A 146 6.86 37.52 -44.07
C PHE A 146 5.74 38.53 -43.94
N LYS A 147 6.06 39.76 -43.54
CA LYS A 147 5.06 40.83 -43.47
C LYS A 147 5.36 41.88 -44.54
N ASP A 148 4.34 42.65 -44.86
CA ASP A 148 4.39 43.93 -45.59
C ASP A 148 3.87 45.01 -44.64
N THR A 149 3.68 46.22 -45.14
CA THR A 149 3.28 47.39 -44.32
C THR A 149 1.98 47.08 -43.56
N ASP A 150 1.11 46.21 -44.09
CA ASP A 150 -0.25 46.02 -43.52
C ASP A 150 -0.27 44.84 -42.53
N GLY A 151 0.80 44.05 -42.46
CA GLY A 151 0.87 42.83 -41.63
C GLY A 151 1.39 41.65 -42.41
N PHE A 152 1.11 40.43 -41.94
CA PHE A 152 1.50 39.19 -42.63
C PHE A 152 0.86 39.22 -44.04
N LYS A 153 1.65 38.79 -44.98
CA LYS A 153 1.29 38.81 -46.43
C LYS A 153 0.20 37.78 -46.68
N ASN A 154 -0.96 38.23 -47.16
CA ASN A 154 -2.14 37.37 -47.41
C ASN A 154 -1.76 36.15 -48.25
N GLN A 155 -0.72 36.23 -49.07
CA GLN A 155 -0.38 35.17 -50.03
C GLN A 155 0.11 33.92 -49.27
N LEU A 156 0.54 34.08 -48.01
CA LEU A 156 1.02 32.94 -47.17
C LEU A 156 -0.12 31.92 -46.97
N CYS A 157 -1.35 32.33 -47.17
CA CYS A 157 -2.55 31.46 -47.01
C CYS A 157 -2.56 30.35 -48.10
N GLU A 158 -1.64 30.42 -49.08
CA GLU A 158 -1.53 29.45 -50.18
C GLU A 158 -0.64 28.30 -49.73
N ASP A 159 -0.07 28.38 -48.52
CA ASP A 159 0.85 27.32 -48.02
C ASP A 159 0.42 26.92 -46.59
N VAL A 160 -0.43 25.92 -46.44
CA VAL A 160 -1.10 25.57 -45.14
C VAL A 160 -0.06 25.07 -44.17
N LYS A 161 0.89 24.23 -44.64
CA LYS A 161 1.96 23.68 -43.81
C LYS A 161 2.72 24.83 -43.14
N GLY A 162 3.04 25.86 -43.89
CA GLY A 162 3.69 27.09 -43.40
C GLY A 162 2.86 27.79 -42.35
N LEU A 163 1.57 28.02 -42.61
CA LEU A 163 0.66 28.67 -41.64
C LEU A 163 0.62 27.87 -40.34
N LEU A 164 0.56 26.54 -40.43
CA LEU A 164 0.43 25.69 -39.24
C LEU A 164 1.73 25.78 -38.46
N SER A 165 2.88 25.78 -39.12
CA SER A 165 4.17 25.89 -38.41
C SER A 165 4.31 27.29 -37.76
N LEU A 166 3.79 28.32 -38.39
CA LEU A 166 3.79 29.70 -37.85
C LEU A 166 2.91 29.75 -36.60
N TYR A 167 1.72 29.17 -36.70
CA TYR A 167 0.76 29.07 -35.60
C TYR A 167 1.45 28.44 -34.39
N GLU A 168 2.03 27.26 -34.58
CA GLU A 168 2.64 26.45 -33.52
C GLU A 168 3.80 27.27 -32.90
N ALA A 169 4.61 27.92 -33.71
CA ALA A 169 5.83 28.64 -33.25
C ALA A 169 5.42 29.85 -32.41
N SER A 170 4.30 30.47 -32.72
CA SER A 170 3.85 31.74 -32.09
C SER A 170 3.72 31.56 -30.57
N PHE A 171 3.44 30.34 -30.11
CA PHE A 171 3.16 30.03 -28.68
C PHE A 171 4.46 29.97 -27.89
N LEU A 172 5.63 30.09 -28.54
CA LEU A 172 6.92 30.10 -27.82
C LEU A 172 7.33 31.55 -27.51
N GLY A 173 6.45 32.49 -27.80
CA GLY A 173 6.75 33.92 -27.69
C GLY A 173 6.71 34.39 -26.25
N TRP A 174 7.29 35.55 -26.02
CA TRP A 174 7.39 36.23 -24.70
C TRP A 174 6.55 37.49 -24.73
N GLU A 175 6.46 38.16 -23.60
CA GLU A 175 5.79 39.46 -23.54
C GLU A 175 6.57 40.46 -24.42
N GLY A 176 5.86 41.37 -25.04
CA GLY A 176 6.43 42.45 -25.85
C GLY A 176 6.91 41.94 -27.19
N GLU A 177 6.68 40.68 -27.54
CA GLU A 177 7.05 40.15 -28.89
C GLU A 177 5.79 40.23 -29.74
N ASP A 178 5.48 41.44 -30.14
CA ASP A 178 4.24 41.86 -30.83
C ASP A 178 4.06 41.09 -32.17
N ILE A 179 5.15 40.72 -32.82
CA ILE A 179 5.12 40.06 -34.16
C ILE A 179 4.58 38.63 -33.95
N LEU A 180 4.93 37.99 -32.82
CA LEU A 180 4.41 36.64 -32.50
C LEU A 180 2.91 36.70 -32.20
N ASP A 181 2.41 37.77 -31.59
CA ASP A 181 0.96 38.02 -31.39
C ASP A 181 0.25 38.16 -32.74
N GLU A 182 0.82 38.93 -33.67
CA GLU A 182 0.26 39.12 -35.05
C GLU A 182 0.26 37.76 -35.75
N ALA A 183 1.34 37.01 -35.66
CA ALA A 183 1.49 35.69 -36.30
C ALA A 183 0.34 34.78 -35.82
N ARG A 184 0.11 34.74 -34.51
CA ARG A 184 -0.95 33.91 -33.92
C ARG A 184 -2.28 34.34 -34.52
N THR A 185 -2.59 35.63 -34.48
CA THR A 185 -3.91 36.15 -34.92
C THR A 185 -4.10 35.81 -36.42
N PHE A 186 -3.07 36.01 -37.20
CA PHE A 186 -3.10 35.81 -38.67
C PHE A 186 -3.25 34.32 -38.95
N ALA A 187 -2.36 33.48 -38.40
CA ALA A 187 -2.34 32.05 -38.71
C ALA A 187 -3.61 31.41 -38.17
N THR A 188 -4.12 31.86 -37.02
CA THR A 188 -5.39 31.34 -36.47
C THR A 188 -6.50 31.62 -37.48
N SER A 189 -6.65 32.89 -37.87
CA SER A 189 -7.67 33.39 -38.81
C SER A 189 -7.61 32.58 -40.13
N LYS A 190 -6.43 32.45 -40.71
CA LYS A 190 -6.24 31.80 -42.05
C LYS A 190 -6.51 30.29 -41.95
N LEU A 191 -6.03 29.64 -40.89
CA LEU A 191 -6.29 28.19 -40.70
C LEU A 191 -7.79 27.94 -40.49
N LYS A 192 -8.46 28.75 -39.67
CA LYS A 192 -9.92 28.62 -39.44
C LYS A 192 -10.69 28.77 -40.74
N SER A 193 -10.26 29.64 -41.65
CA SER A 193 -10.94 29.83 -42.97
C SER A 193 -10.89 28.56 -43.80
N ILE A 194 -10.23 27.48 -43.32
CA ILE A 194 -10.12 26.18 -44.06
C ILE A 194 -10.35 24.96 -43.15
N GLU A 195 -10.46 25.15 -41.82
CA GLU A 195 -10.62 24.05 -40.84
C GLU A 195 -11.78 23.19 -41.37
N GLY A 196 -11.65 21.88 -41.37
CA GLY A 196 -12.76 20.97 -41.73
C GLY A 196 -12.89 20.78 -43.24
N LYS A 197 -12.28 21.66 -44.05
CA LYS A 197 -12.45 21.67 -45.53
C LYS A 197 -11.11 21.46 -46.27
N ILE A 198 -10.06 20.92 -45.60
CA ILE A 198 -8.68 20.75 -46.17
C ILE A 198 -8.70 19.38 -46.82
N PRO A 199 -8.40 19.24 -48.14
CA PRO A 199 -8.62 17.97 -48.86
C PRO A 199 -7.34 17.12 -48.90
N SER A 200 -6.67 17.04 -47.76
CA SER A 200 -5.39 16.32 -47.56
C SER A 200 -5.38 15.82 -46.13
N PRO A 201 -5.65 14.51 -45.96
CA PRO A 201 -6.15 14.00 -44.69
C PRO A 201 -5.25 14.38 -43.52
N SER A 202 -3.95 14.21 -43.66
CA SER A 202 -3.04 14.26 -42.50
C SER A 202 -2.88 15.72 -42.09
N LEU A 203 -2.82 16.64 -43.05
CA LEU A 203 -2.74 18.08 -42.75
C LEU A 203 -4.09 18.53 -42.16
N ALA A 204 -5.20 18.02 -42.68
CA ALA A 204 -6.56 18.33 -42.18
C ALA A 204 -6.67 18.01 -40.68
N LYS A 205 -6.22 16.81 -40.30
CA LYS A 205 -6.27 16.33 -38.90
C LYS A 205 -5.40 17.26 -38.05
N LYS A 206 -4.18 17.51 -38.48
CA LYS A 206 -3.20 18.29 -37.69
C LYS A 206 -3.69 19.72 -37.53
N VAL A 207 -4.31 20.32 -38.56
CA VAL A 207 -4.80 21.72 -38.48
C VAL A 207 -5.94 21.76 -37.46
N SER A 208 -6.88 20.83 -37.54
CA SER A 208 -8.04 20.78 -36.65
C SER A 208 -7.57 20.59 -35.19
N HIS A 209 -6.68 19.64 -34.97
CA HIS A 209 -6.03 19.35 -33.65
C HIS A 209 -5.36 20.63 -33.10
N ALA A 210 -4.60 21.35 -33.93
CA ALA A 210 -3.84 22.56 -33.54
C ALA A 210 -4.81 23.68 -33.16
N LEU A 211 -5.90 23.87 -33.88
CA LEU A 211 -6.82 24.98 -33.59
C LEU A 211 -7.56 24.68 -32.26
N ASP A 212 -7.78 23.41 -31.93
CA ASP A 212 -8.30 22.98 -30.61
C ASP A 212 -7.28 23.39 -29.55
N LEU A 213 -6.04 22.89 -29.65
CA LEU A 213 -4.94 23.30 -28.74
C LEU A 213 -3.65 23.23 -29.53
N PRO A 214 -2.80 24.27 -29.39
CA PRO A 214 -1.47 24.25 -29.97
C PRO A 214 -0.60 23.18 -29.29
N LEU A 215 0.34 22.60 -30.03
CA LEU A 215 1.22 21.53 -29.54
C LEU A 215 1.83 21.99 -28.20
N HIS A 216 2.23 23.25 -28.08
CA HIS A 216 2.90 23.77 -26.88
C HIS A 216 2.00 23.60 -25.62
N TRP A 217 0.68 23.59 -25.79
CA TRP A 217 -0.31 23.57 -24.69
C TRP A 217 -0.79 22.15 -24.43
N ARG A 218 -0.34 21.16 -25.20
CA ARG A 218 -0.85 19.78 -25.09
C ARG A 218 0.11 18.98 -24.23
N THR A 219 -0.39 17.93 -23.58
CA THR A 219 0.43 17.02 -22.74
C THR A 219 1.33 16.24 -23.67
N ILE A 220 2.43 15.78 -23.15
CA ILE A 220 3.31 14.87 -23.93
C ILE A 220 2.63 13.53 -24.11
N ARG A 221 2.10 12.92 -23.06
CA ARG A 221 1.71 11.51 -23.11
C ARG A 221 0.46 11.28 -23.98
N TYR A 222 -0.56 12.11 -23.84
CA TYR A 222 -1.81 12.01 -24.63
C TYR A 222 -1.56 12.44 -26.08
N GLU A 223 -0.67 13.41 -26.29
CA GLU A 223 -0.26 13.78 -27.66
C GLU A 223 0.42 12.58 -28.33
N ALA A 224 1.30 11.90 -27.62
CA ALA A 224 2.04 10.75 -28.20
C ALA A 224 1.05 9.74 -28.77
N ARG A 225 0.02 9.36 -28.01
CA ARG A 225 -0.92 8.36 -28.51
C ARG A 225 -1.61 8.85 -29.79
N TRP A 226 -2.10 10.09 -29.79
CA TRP A 226 -2.76 10.66 -30.97
C TRP A 226 -1.79 10.67 -32.15
N PHE A 227 -0.55 11.08 -31.91
CA PHE A 227 0.41 11.33 -33.00
C PHE A 227 0.97 10.02 -33.58
N ILE A 228 1.06 8.95 -32.81
CA ILE A 228 1.45 7.62 -33.32
C ILE A 228 0.51 7.25 -34.49
N ASP A 229 -0.79 7.44 -34.32
CA ASP A 229 -1.83 7.25 -35.38
C ASP A 229 -1.63 8.24 -36.54
N THR A 230 -1.53 9.53 -36.27
CA THR A 230 -1.38 10.55 -37.32
C THR A 230 -0.12 10.24 -38.13
N TYR A 231 1.00 10.06 -37.46
CA TYR A 231 2.34 9.85 -38.06
C TYR A 231 2.27 8.69 -39.07
N GLU A 232 1.63 7.61 -38.68
CA GLU A 232 1.54 6.37 -39.49
C GLU A 232 0.87 6.71 -40.82
N GLU A 233 0.01 7.73 -40.86
CA GLU A 233 -0.77 8.12 -42.08
C GLU A 233 0.00 9.15 -42.90
N GLU A 234 1.12 9.66 -42.40
CA GLU A 234 1.85 10.77 -43.07
C GLU A 234 2.75 10.23 -44.18
N GLU A 235 3.13 11.09 -45.12
CA GLU A 235 3.93 10.71 -46.32
C GLU A 235 5.36 10.38 -45.91
N ASP A 236 5.93 11.15 -44.98
CA ASP A 236 7.36 11.10 -44.58
C ASP A 236 7.59 10.08 -43.44
N VAL A 237 6.75 9.05 -43.28
CA VAL A 237 6.81 8.13 -42.11
C VAL A 237 8.11 7.32 -42.17
N ASN A 238 8.88 7.31 -41.07
CA ASN A 238 10.02 6.38 -40.85
C ASN A 238 9.51 5.16 -40.07
N LEU A 239 9.43 3.99 -40.71
CA LEU A 239 8.79 2.80 -40.08
C LEU A 239 9.58 2.33 -38.86
N THR A 240 10.90 2.55 -38.82
CA THR A 240 11.70 2.13 -37.64
C THR A 240 11.33 3.01 -36.44
N LEU A 241 11.25 4.32 -36.64
CA LEU A 241 10.87 5.28 -35.57
C LEU A 241 9.44 4.94 -35.12
N LEU A 242 8.53 4.73 -36.08
CA LEU A 242 7.12 4.42 -35.78
C LEU A 242 7.07 3.12 -34.99
N ARG A 243 7.80 2.08 -35.40
CA ARG A 243 7.81 0.77 -34.70
C ARG A 243 8.33 0.94 -33.27
N TYR A 244 9.41 1.68 -33.06
CA TYR A 244 9.91 1.96 -31.70
C TYR A 244 8.86 2.75 -30.87
N ALA A 245 8.22 3.76 -31.44
CA ALA A 245 7.23 4.61 -30.74
C ALA A 245 6.09 3.74 -30.19
N LYS A 246 5.59 2.77 -30.98
CA LYS A 246 4.50 1.87 -30.55
C LYS A 246 5.02 0.95 -29.45
N LEU A 247 6.22 0.40 -29.61
CA LEU A 247 6.79 -0.58 -28.67
C LEU A 247 7.02 0.14 -27.34
N ASP A 248 7.69 1.28 -27.39
CA ASP A 248 8.04 2.04 -26.17
C ASP A 248 6.72 2.50 -25.53
N PHE A 249 5.73 2.88 -26.31
CA PHE A 249 4.41 3.30 -25.79
C PHE A 249 3.87 2.17 -24.93
N ASN A 250 3.83 0.95 -25.47
CA ASN A 250 3.26 -0.23 -24.80
C ASN A 250 4.06 -0.54 -23.53
N ILE A 251 5.37 -0.35 -23.56
CA ILE A 251 6.20 -0.73 -22.40
C ILE A 251 5.90 0.27 -21.28
N VAL A 252 5.90 1.57 -21.59
CA VAL A 252 5.59 2.63 -20.59
C VAL A 252 4.17 2.37 -20.04
N GLN A 253 3.24 2.08 -20.93
CA GLN A 253 1.84 1.82 -20.55
C GLN A 253 1.77 0.69 -19.51
N SER A 254 2.59 -0.35 -19.67
CA SER A 254 2.57 -1.49 -18.70
C SER A 254 2.99 -0.97 -17.34
N PHE A 255 3.94 -0.05 -17.23
CA PHE A 255 4.29 0.55 -15.91
C PHE A 255 3.06 1.30 -15.36
N HIS A 256 2.36 2.02 -16.23
CA HIS A 256 1.18 2.82 -15.81
C HIS A 256 0.11 1.87 -15.29
N GLN A 257 -0.11 0.75 -15.99
CA GLN A 257 -1.16 -0.22 -15.59
C GLN A 257 -0.85 -0.75 -14.19
N LYS A 258 0.43 -1.02 -13.86
CA LYS A 258 0.79 -1.50 -12.51
C LYS A 258 0.53 -0.42 -11.46
N GLU A 259 0.82 0.83 -11.78
CA GLU A 259 0.58 2.00 -10.89
C GLU A 259 -0.91 2.10 -10.59
N ILE A 260 -1.76 1.97 -11.61
CA ILE A 260 -3.22 2.14 -11.43
C ILE A 260 -3.74 0.99 -10.57
N GLY A 261 -3.16 -0.21 -10.74
CA GLY A 261 -3.48 -1.35 -9.88
C GLY A 261 -3.19 -1.02 -8.42
N ARG A 262 -1.98 -0.55 -8.13
CA ARG A 262 -1.58 -0.19 -6.76
C ARG A 262 -2.50 0.93 -6.21
N LEU A 263 -2.71 1.97 -7.01
CA LEU A 263 -3.48 3.15 -6.60
C LEU A 263 -4.93 2.76 -6.32
N SER A 264 -5.53 1.91 -7.18
CA SER A 264 -6.92 1.42 -6.98
C SER A 264 -7.01 0.64 -5.69
N ARG A 265 -6.00 -0.22 -5.43
CA ARG A 265 -5.99 -1.05 -4.21
C ARG A 265 -5.95 -0.08 -3.02
N TRP A 266 -5.11 0.94 -3.10
CA TRP A 266 -5.00 1.94 -2.02
C TRP A 266 -6.38 2.60 -1.85
N TRP A 267 -6.99 3.02 -2.97
CA TRP A 267 -8.24 3.84 -2.97
C TRP A 267 -9.41 3.02 -2.37
N VAL A 268 -9.59 1.78 -2.81
CA VAL A 268 -10.59 0.88 -2.18
C VAL A 268 -10.24 0.67 -0.70
N GLY A 269 -8.95 0.52 -0.38
CA GLY A 269 -8.46 0.46 1.00
C GLY A 269 -8.92 1.64 1.87
N THR A 270 -8.95 2.86 1.32
CA THR A 270 -9.38 4.06 2.10
C THR A 270 -10.88 4.03 2.32
N GLY A 271 -11.61 3.28 1.52
CA GLY A 271 -13.07 3.33 1.53
C GLY A 271 -13.64 4.57 0.86
N LEU A 272 -12.81 5.46 0.31
CA LEU A 272 -13.31 6.73 -0.26
C LEU A 272 -14.04 6.49 -1.59
N ASP A 273 -13.82 5.37 -2.24
CA ASP A 273 -14.63 4.99 -3.42
C ASP A 273 -16.12 4.90 -3.00
N LYS A 274 -16.43 4.67 -1.74
CA LYS A 274 -17.86 4.53 -1.31
C LYS A 274 -18.41 5.82 -0.72
N MET A 275 -17.68 6.93 -0.75
CA MET A 275 -18.27 8.25 -0.34
C MET A 275 -19.34 8.59 -1.35
N PRO A 276 -20.50 9.19 -0.96
CA PRO A 276 -21.51 9.53 -1.96
C PRO A 276 -21.15 10.81 -2.76
N PHE A 277 -19.87 10.99 -3.10
CA PHE A 277 -19.34 12.10 -3.95
C PHE A 277 -17.98 11.69 -4.52
N ALA A 278 -17.40 12.52 -5.40
CA ALA A 278 -16.04 12.33 -5.95
C ALA A 278 -15.97 10.97 -6.70
N ARG A 279 -17.08 10.63 -7.36
CA ARG A 279 -17.15 9.59 -8.42
C ARG A 279 -15.99 9.85 -9.37
N ASN A 280 -15.21 8.80 -9.68
CA ASN A 280 -14.08 8.85 -10.64
C ASN A 280 -12.92 9.72 -10.12
N GLY A 281 -12.90 10.09 -8.84
CA GLY A 281 -11.84 10.88 -8.22
C GLY A 281 -10.46 10.30 -8.45
N LEU A 282 -10.28 9.02 -8.20
CA LEU A 282 -8.95 8.36 -8.29
C LEU A 282 -8.51 8.32 -9.76
N ILE A 283 -9.36 7.83 -10.64
CA ILE A 283 -8.92 7.63 -12.05
C ILE A 283 -8.70 9.01 -12.69
N GLN A 284 -9.55 10.01 -12.42
CA GLN A 284 -9.36 11.37 -12.98
C GLN A 284 -8.06 12.00 -12.46
N SER A 285 -7.71 11.80 -11.19
CA SER A 285 -6.43 12.32 -10.63
C SER A 285 -5.27 11.64 -11.36
N TYR A 286 -5.36 10.35 -11.54
CA TYR A 286 -4.25 9.57 -12.16
C TYR A 286 -4.11 9.97 -13.64
N MET A 287 -5.21 10.16 -14.34
CA MET A 287 -5.16 10.58 -15.76
C MET A 287 -4.49 11.96 -15.89
N TYR A 288 -4.74 12.86 -14.95
CA TYR A 288 -4.14 14.20 -14.85
C TYR A 288 -2.66 14.05 -14.56
N ALA A 289 -2.32 13.19 -13.59
CA ALA A 289 -0.92 12.93 -13.20
C ALA A 289 -0.11 12.53 -14.44
N ILE A 290 -0.64 11.64 -15.30
CA ILE A 290 0.03 11.17 -16.55
C ILE A 290 0.35 12.38 -17.45
N GLY A 291 -0.48 13.40 -17.43
CA GLY A 291 -0.15 14.68 -18.10
C GLY A 291 0.96 15.45 -17.41
N MET A 292 0.98 15.48 -16.09
CA MET A 292 2.04 16.17 -15.31
C MET A 292 3.38 15.43 -15.48
N LEU A 293 3.39 14.11 -15.40
CA LEU A 293 4.65 13.31 -15.54
C LEU A 293 4.28 11.87 -15.92
N PHE A 294 4.78 11.37 -17.06
CA PHE A 294 4.45 10.02 -17.56
C PHE A 294 5.62 9.05 -17.41
N GLU A 295 6.85 9.55 -17.26
CA GLU A 295 8.07 8.71 -17.38
C GLU A 295 8.06 7.59 -16.35
N PRO A 296 8.41 6.36 -16.77
CA PRO A 296 8.55 5.25 -15.83
C PRO A 296 9.46 5.55 -14.63
N ASN A 297 10.56 6.26 -14.79
CA ASN A 297 11.54 6.44 -13.69
C ASN A 297 10.95 7.36 -12.59
N LEU A 298 9.81 8.01 -12.83
CA LEU A 298 9.15 8.89 -11.83
C LEU A 298 7.86 8.22 -11.35
N GLY A 299 7.77 6.90 -11.48
CA GLY A 299 6.64 6.09 -10.96
C GLY A 299 6.23 6.42 -9.53
N GLU A 300 7.15 6.40 -8.56
CA GLU A 300 6.77 6.59 -7.13
C GLU A 300 6.25 8.01 -6.88
N VAL A 301 6.86 8.99 -7.51
CA VAL A 301 6.43 10.40 -7.39
C VAL A 301 5.05 10.54 -8.02
N ARG A 302 4.85 9.95 -9.19
CA ARG A 302 3.56 10.01 -9.91
C ARG A 302 2.48 9.40 -9.04
N GLU A 303 2.76 8.28 -8.39
CA GLU A 303 1.75 7.61 -7.55
C GLU A 303 1.36 8.54 -6.38
N MET A 304 2.34 9.18 -5.75
CA MET A 304 2.08 10.06 -4.61
C MET A 304 1.29 11.28 -5.10
N GLU A 305 1.64 11.88 -6.25
CA GLU A 305 0.90 13.05 -6.78
C GLU A 305 -0.56 12.61 -7.04
N ALA A 306 -0.75 11.42 -7.60
CA ALA A 306 -2.12 10.91 -7.92
C ALA A 306 -2.92 10.74 -6.63
N LYS A 307 -2.30 10.24 -5.57
CA LYS A 307 -2.98 10.14 -4.25
C LYS A 307 -3.35 11.53 -3.78
N VAL A 308 -2.46 12.50 -3.89
CA VAL A 308 -2.81 13.86 -3.42
C VAL A 308 -3.96 14.44 -4.28
N GLY A 309 -3.94 14.27 -5.63
CA GLY A 309 -5.03 14.77 -6.50
C GLY A 309 -6.37 14.16 -6.16
N ALA A 310 -6.41 12.86 -5.94
CA ALA A 310 -7.63 12.14 -5.53
C ALA A 310 -8.18 12.71 -4.21
N LEU A 311 -7.32 13.06 -3.25
CA LEU A 311 -7.76 13.68 -1.98
C LEU A 311 -8.21 15.12 -2.17
N ILE A 312 -7.53 15.90 -3.00
CA ILE A 312 -7.95 17.29 -3.34
C ILE A 312 -9.37 17.26 -3.94
N THR A 313 -9.62 16.37 -4.91
CA THR A 313 -10.93 16.29 -5.57
C THR A 313 -11.99 15.93 -4.53
N THR A 314 -11.69 14.91 -3.71
CA THR A 314 -12.59 14.40 -2.68
C THR A 314 -12.89 15.52 -1.68
N ILE A 315 -11.86 16.19 -1.18
CA ILE A 315 -12.06 17.12 -0.05
C ILE A 315 -12.67 18.44 -0.57
N ASP A 316 -12.33 18.86 -1.77
CA ASP A 316 -13.05 19.95 -2.44
C ASP A 316 -14.56 19.63 -2.42
N ASP A 317 -14.98 18.42 -2.83
CA ASP A 317 -16.41 18.00 -2.80
C ASP A 317 -16.93 18.00 -1.35
N VAL A 318 -16.17 17.53 -0.36
CA VAL A 318 -16.55 17.65 1.08
C VAL A 318 -16.89 19.11 1.36
N TYR A 319 -16.06 20.04 0.92
CA TYR A 319 -16.28 21.47 1.24
C TYR A 319 -17.41 22.05 0.37
N ASP A 320 -17.57 21.61 -0.87
CA ASP A 320 -18.52 22.28 -1.81
C ASP A 320 -19.88 21.60 -1.86
N VAL A 321 -19.99 20.27 -1.74
CA VAL A 321 -21.25 19.54 -2.02
C VAL A 321 -21.55 18.53 -0.91
N TYR A 322 -21.19 18.83 0.34
CA TYR A 322 -21.56 17.91 1.44
C TYR A 322 -21.59 18.58 2.81
N GLY A 323 -20.44 19.06 3.30
CA GLY A 323 -20.26 19.60 4.65
C GLY A 323 -21.09 20.85 4.87
N THR A 324 -21.53 21.06 6.11
CA THR A 324 -22.03 22.36 6.61
C THR A 324 -20.86 23.22 7.02
N MET A 325 -21.12 24.52 7.10
CA MET A 325 -20.13 25.50 7.53
C MET A 325 -19.52 25.05 8.87
N GLU A 326 -20.30 24.55 9.82
CA GLU A 326 -19.76 24.15 11.16
C GLU A 326 -18.87 22.91 11.06
N GLU A 327 -19.27 21.92 10.26
CA GLU A 327 -18.43 20.69 10.06
C GLU A 327 -17.09 21.10 9.46
N LEU A 328 -17.15 21.98 8.47
CA LEU A 328 -15.96 22.36 7.71
C LEU A 328 -15.04 23.20 8.61
N GLU A 329 -15.60 23.98 9.55
CA GLU A 329 -14.74 24.75 10.50
C GLU A 329 -13.89 23.78 11.29
N LEU A 330 -14.47 22.66 11.74
CA LEU A 330 -13.73 21.66 12.55
C LEU A 330 -12.69 20.96 11.65
N PHE A 331 -13.06 20.60 10.42
CA PHE A 331 -12.15 19.96 9.44
C PHE A 331 -10.92 20.85 9.27
N THR A 332 -11.14 22.13 9.06
CA THR A 332 -10.06 23.12 8.85
C THR A 332 -9.18 23.20 10.11
N ASP A 333 -9.79 23.37 11.26
CA ASP A 333 -9.07 23.47 12.56
C ASP A 333 -8.23 22.20 12.80
N ILE A 334 -8.79 21.02 12.62
CA ILE A 334 -8.01 19.76 12.81
C ILE A 334 -6.78 19.83 11.89
N THR A 335 -6.97 20.24 10.63
CA THR A 335 -5.87 20.26 9.64
C THR A 335 -4.83 21.29 10.07
N ASN A 336 -5.27 22.48 10.46
CA ASN A 336 -4.37 23.59 10.86
C ASN A 336 -3.48 23.12 11.99
N ARG A 337 -4.02 22.38 12.95
CA ARG A 337 -3.28 21.99 14.17
C ARG A 337 -2.60 20.63 13.98
N TRP A 338 -2.89 19.94 12.88
CA TRP A 338 -2.42 18.55 12.64
C TRP A 338 -2.69 17.68 13.86
N ASP A 339 -3.94 17.74 14.33
CA ASP A 339 -4.34 17.07 15.58
C ASP A 339 -5.71 16.47 15.36
N ILE A 340 -5.78 15.14 15.35
CA ILE A 340 -7.01 14.41 14.97
C ILE A 340 -7.77 13.98 16.21
N SER A 341 -7.41 14.47 17.42
CA SER A 341 -8.18 14.21 18.68
C SER A 341 -9.69 14.35 18.47
N LYS A 342 -10.15 15.41 17.78
CA LYS A 342 -11.60 15.73 17.73
C LYS A 342 -12.25 15.11 16.50
N ALA A 343 -11.54 14.27 15.76
CA ALA A 343 -12.00 13.73 14.45
C ALA A 343 -13.34 13.02 14.62
N ASP A 344 -13.53 12.32 15.75
CA ASP A 344 -14.77 11.55 15.96
C ASP A 344 -15.99 12.48 16.09
N GLN A 345 -15.88 13.80 16.17
CA GLN A 345 -17.07 14.69 16.14
C GLN A 345 -17.62 14.83 14.71
N LEU A 346 -16.87 14.39 13.69
CA LEU A 346 -17.35 14.47 12.28
C LEU A 346 -18.06 13.19 11.91
N PRO A 347 -19.16 13.23 11.16
CA PRO A 347 -19.74 12.00 10.65
C PRO A 347 -18.78 11.29 9.68
N ARG A 348 -19.01 10.00 9.53
CA ARG A 348 -18.20 9.05 8.76
C ARG A 348 -17.78 9.65 7.41
N ASN A 349 -18.71 10.20 6.64
CA ASN A 349 -18.41 10.58 5.23
C ASN A 349 -17.51 11.79 5.20
N ILE A 350 -17.34 12.51 6.30
CA ILE A 350 -16.43 13.69 6.40
C ILE A 350 -15.16 13.24 7.14
N ARG A 351 -15.31 12.37 8.13
CA ARG A 351 -14.20 11.90 8.96
C ARG A 351 -13.24 11.04 8.10
N MET A 352 -13.77 10.25 7.18
CA MET A 352 -12.93 9.33 6.40
C MET A 352 -12.04 10.12 5.45
N PRO A 353 -12.57 11.10 4.69
CA PRO A 353 -11.68 11.96 3.90
C PRO A 353 -10.63 12.67 4.75
N LEU A 354 -11.04 13.20 5.90
CA LEU A 354 -10.11 13.97 6.75
C LEU A 354 -8.96 13.06 7.17
N LEU A 355 -9.26 11.88 7.67
CA LEU A 355 -8.21 11.01 8.23
C LEU A 355 -7.36 10.41 7.11
N THR A 356 -7.92 10.22 5.91
CA THR A 356 -7.12 9.78 4.74
C THR A 356 -6.17 10.91 4.32
N MET A 357 -6.63 12.15 4.30
CA MET A 357 -5.74 13.29 4.01
C MET A 357 -4.59 13.28 5.02
N PHE A 358 -4.91 13.11 6.29
CA PHE A 358 -3.93 13.09 7.39
C PHE A 358 -2.93 11.94 7.18
N ASN A 359 -3.43 10.72 7.00
CA ASN A 359 -2.60 9.50 6.89
C ASN A 359 -1.73 9.56 5.64
N THR A 360 -2.28 10.03 4.52
CA THR A 360 -1.55 10.09 3.25
C THR A 360 -0.49 11.19 3.30
N SER A 361 -0.81 12.33 3.88
CA SER A 361 0.16 13.43 4.07
C SER A 361 1.34 12.96 4.96
N ASN A 362 1.06 12.24 6.03
CA ASN A 362 2.10 11.64 6.91
C ASN A 362 2.94 10.64 6.10
N ASP A 363 2.33 9.79 5.27
CA ASP A 363 3.05 8.79 4.45
C ASP A 363 3.96 9.52 3.45
N ILE A 364 3.46 10.55 2.80
CA ILE A 364 4.25 11.31 1.79
C ILE A 364 5.42 12.02 2.49
N GLY A 365 5.17 12.72 3.58
CA GLY A 365 6.21 13.35 4.39
C GLY A 365 7.28 12.34 4.82
N TYR A 366 6.83 11.14 5.21
CA TYR A 366 7.70 10.06 5.69
C TYR A 366 8.56 9.55 4.53
N TRP A 367 8.00 9.41 3.33
CA TRP A 367 8.79 8.99 2.15
C TRP A 367 9.97 9.94 1.98
N ALA A 368 9.77 11.26 2.07
CA ALA A 368 10.85 12.25 1.93
C ALA A 368 11.93 11.97 2.98
N LEU A 369 11.53 11.61 4.19
CA LEU A 369 12.50 11.31 5.27
C LEU A 369 13.25 10.02 4.92
N LYS A 370 12.54 8.96 4.55
CA LYS A 370 13.11 7.64 4.26
C LYS A 370 14.01 7.74 3.04
N GLU A 371 13.55 8.42 1.99
CA GLU A 371 14.19 8.38 0.65
C GLU A 371 15.16 9.54 0.50
N ARG A 372 14.84 10.71 1.05
CA ARG A 372 15.51 11.96 0.64
C ARG A 372 16.23 12.54 1.84
N GLY A 373 16.09 11.93 3.02
CA GLY A 373 16.67 12.36 4.31
C GLY A 373 15.99 13.57 4.95
N PHE A 374 14.82 13.99 4.50
CA PHE A 374 14.16 15.20 5.03
C PHE A 374 12.68 14.90 5.33
N ASN A 375 12.25 15.17 6.56
CA ASN A 375 10.88 14.86 7.03
C ASN A 375 9.96 15.88 6.38
N GLY A 376 9.17 15.43 5.40
CA GLY A 376 8.26 16.30 4.66
C GLY A 376 6.90 16.48 5.30
N ILE A 377 6.68 16.00 6.53
CA ILE A 377 5.33 16.12 7.15
C ILE A 377 4.99 17.58 7.39
N PRO A 378 5.89 18.44 7.92
CA PRO A 378 5.51 19.84 8.11
C PRO A 378 5.06 20.51 6.80
N CYS A 379 5.70 20.14 5.70
CA CYS A 379 5.45 20.70 4.36
C CYS A 379 4.04 20.27 3.88
N THR A 380 3.73 18.97 3.90
CA THR A 380 2.44 18.44 3.40
C THR A 380 1.31 18.94 4.31
N ALA A 381 1.56 19.07 5.62
CA ALA A 381 0.53 19.58 6.56
C ALA A 381 0.23 21.05 6.22
N LYS A 382 1.28 21.78 5.88
CA LYS A 382 1.20 23.24 5.61
C LYS A 382 0.44 23.50 4.31
N VAL A 383 0.71 22.76 3.23
CA VAL A 383 0.01 23.03 1.95
C VAL A 383 -1.46 22.61 2.07
N TRP A 384 -1.77 21.58 2.82
CA TRP A 384 -3.19 21.26 3.11
C TRP A 384 -3.86 22.36 3.94
N SER A 385 -3.17 22.90 4.94
CA SER A 385 -3.72 24.01 5.74
C SER A 385 -3.95 25.25 4.84
N ASP A 386 -3.00 25.60 3.98
CA ASP A 386 -3.16 26.71 3.00
C ASP A 386 -4.39 26.44 2.12
N GLN A 387 -4.51 25.24 1.59
CA GLN A 387 -5.60 24.91 0.67
C GLN A 387 -6.97 25.05 1.35
N LEU A 388 -7.15 24.50 2.55
CA LEU A 388 -8.46 24.55 3.25
C LEU A 388 -8.82 25.97 3.66
N LYS A 389 -7.82 26.77 4.02
CA LYS A 389 -8.01 28.21 4.29
C LYS A 389 -8.54 28.91 3.04
N SER A 390 -8.06 28.55 1.86
CA SER A 390 -8.54 29.15 0.60
C SER A 390 -10.01 28.74 0.39
N TYR A 391 -10.40 27.52 0.78
CA TYR A 391 -11.78 27.01 0.62
C TYR A 391 -12.70 27.83 1.52
N THR A 392 -12.21 28.11 2.72
CA THR A 392 -12.99 28.82 3.75
C THR A 392 -13.29 30.21 3.21
N LYS A 393 -12.26 30.92 2.74
CA LYS A 393 -12.42 32.27 2.14
C LYS A 393 -13.43 32.19 1.00
N GLU A 394 -13.31 31.22 0.08
CA GLU A 394 -14.28 31.03 -1.02
C GLU A 394 -15.69 30.90 -0.44
N ALA A 395 -15.89 30.04 0.59
CA ALA A 395 -17.23 29.73 1.15
C ALA A 395 -17.77 30.96 1.87
N LYS A 396 -16.89 31.72 2.52
CA LYS A 396 -17.24 32.96 3.25
C LYS A 396 -17.85 33.97 2.26
N TRP A 397 -17.11 34.29 1.19
CA TRP A 397 -17.60 35.11 0.05
C TRP A 397 -18.97 34.59 -0.43
N PHE A 398 -19.09 33.28 -0.66
CA PHE A 398 -20.31 32.64 -1.24
C PHE A 398 -21.51 32.87 -0.31
N HIS A 399 -21.33 32.65 1.00
CA HIS A 399 -22.38 32.86 2.03
C HIS A 399 -22.66 34.37 2.20
N GLU A 400 -21.63 35.22 2.38
CA GLU A 400 -21.79 36.70 2.57
C GLU A 400 -22.45 37.36 1.35
N GLY A 401 -22.39 36.74 0.18
CA GLY A 401 -22.87 37.32 -1.09
C GLY A 401 -21.81 38.21 -1.75
N HIS A 402 -20.63 38.34 -1.15
CA HIS A 402 -19.50 39.18 -1.61
C HIS A 402 -19.06 38.80 -3.02
N LYS A 403 -18.79 39.78 -3.86
CA LYS A 403 -18.51 39.61 -5.30
C LYS A 403 -17.11 40.15 -5.56
N PRO A 404 -16.05 39.30 -5.46
CA PRO A 404 -14.68 39.79 -5.45
C PRO A 404 -14.32 40.27 -6.86
N THR A 405 -13.31 41.10 -6.97
CA THR A 405 -12.67 41.48 -8.24
C THR A 405 -11.95 40.25 -8.79
N LEU A 406 -11.49 40.31 -10.04
CA LEU A 406 -10.71 39.22 -10.66
C LEU A 406 -9.39 39.02 -9.91
N GLU A 407 -8.65 40.08 -9.61
CA GLU A 407 -7.34 39.94 -8.90
C GLU A 407 -7.55 39.45 -7.45
N GLU A 408 -8.60 39.85 -6.75
CA GLU A 408 -8.89 39.28 -5.42
C GLU A 408 -9.22 37.79 -5.58
N TYR A 409 -10.12 37.47 -6.50
CA TYR A 409 -10.55 36.09 -6.75
C TYR A 409 -9.32 35.22 -7.08
N LEU A 410 -8.42 35.67 -7.95
CA LEU A 410 -7.36 34.77 -8.47
C LEU A 410 -6.28 34.54 -7.42
N ASP A 411 -5.95 35.53 -6.59
CA ASP A 411 -4.93 35.32 -5.54
C ASP A 411 -5.37 34.18 -4.61
N ASN A 412 -6.65 34.01 -4.35
CA ASN A 412 -7.19 32.89 -3.55
C ASN A 412 -7.43 31.63 -4.40
N ALA A 413 -7.97 31.79 -5.60
CA ALA A 413 -8.40 30.65 -6.45
C ALA A 413 -7.19 29.90 -7.04
N LEU A 414 -6.01 30.51 -7.16
CA LEU A 414 -4.80 29.80 -7.60
C LEU A 414 -4.35 28.85 -6.50
N VAL A 415 -4.77 29.09 -5.25
CA VAL A 415 -4.51 28.17 -4.10
C VAL A 415 -5.59 27.09 -4.09
N SER A 416 -6.85 27.48 -4.26
CA SER A 416 -7.99 26.58 -4.05
C SER A 416 -8.03 25.51 -5.14
N ILE A 417 -7.45 25.76 -6.31
CA ILE A 417 -7.45 24.75 -7.42
C ILE A 417 -6.56 23.56 -6.98
N GLY A 418 -5.60 23.75 -6.05
CA GLY A 418 -4.82 22.63 -5.48
C GLY A 418 -3.42 22.52 -6.08
N PHE A 419 -3.06 23.34 -7.07
CA PHE A 419 -1.74 23.15 -7.75
C PHE A 419 -0.58 23.63 -6.88
N PRO A 420 -0.69 24.63 -5.98
CA PRO A 420 0.39 24.86 -5.02
C PRO A 420 0.66 23.62 -4.17
N ASN A 421 -0.38 22.95 -3.74
CA ASN A 421 -0.27 21.68 -2.97
C ASN A 421 0.47 20.66 -3.85
N LEU A 422 -0.07 20.39 -5.03
CA LEU A 422 0.49 19.36 -5.92
C LEU A 422 1.93 19.70 -6.26
N LEU A 423 2.23 20.95 -6.60
CA LEU A 423 3.58 21.32 -7.11
C LEU A 423 4.59 21.37 -5.95
N VAL A 424 4.26 22.02 -4.82
CA VAL A 424 5.17 22.00 -3.64
C VAL A 424 5.48 20.54 -3.27
N THR A 425 4.47 19.67 -3.24
CA THR A 425 4.68 18.24 -2.94
C THR A 425 5.62 17.65 -4.01
N SER A 426 5.43 17.96 -5.28
CA SER A 426 6.27 17.38 -6.35
C SER A 426 7.72 17.82 -6.12
N TYR A 427 7.93 19.06 -5.68
CA TYR A 427 9.26 19.62 -5.38
C TYR A 427 9.91 18.89 -4.19
N LEU A 428 9.15 18.69 -3.10
CA LEU A 428 9.60 17.96 -1.88
C LEU A 428 10.18 16.61 -2.28
N LEU A 429 9.47 15.92 -3.14
CA LEU A 429 9.76 14.53 -3.50
C LEU A 429 10.90 14.42 -4.50
N THR A 430 11.29 15.51 -5.19
CA THR A 430 12.30 15.43 -6.28
C THR A 430 13.52 16.33 -6.09
N VAL A 431 13.44 17.44 -5.37
CA VAL A 431 14.61 18.38 -5.27
C VAL A 431 15.81 17.64 -4.63
N GLU A 432 17.02 17.84 -5.16
CA GLU A 432 18.25 17.33 -4.48
C GLU A 432 18.38 18.09 -3.16
N ASN A 433 18.57 17.40 -2.04
CA ASN A 433 18.89 18.06 -0.75
C ASN A 433 17.75 18.97 -0.29
N PRO A 434 16.53 18.44 -0.08
CA PRO A 434 15.42 19.28 0.37
C PRO A 434 15.73 19.84 1.75
N THR A 435 15.28 21.07 1.99
CA THR A 435 15.44 21.83 3.24
C THR A 435 14.18 22.65 3.46
N LYS A 436 13.94 23.03 4.69
CA LYS A 436 12.80 23.89 5.01
C LYS A 436 12.90 25.16 4.15
N GLU A 437 14.09 25.75 4.01
CA GLU A 437 14.25 27.04 3.28
C GLU A 437 13.89 26.86 1.80
N LYS A 438 14.29 25.75 1.19
CA LYS A 438 13.91 25.44 -0.23
C LYS A 438 12.39 25.29 -0.33
N LEU A 439 11.79 24.58 0.61
CA LEU A 439 10.34 24.30 0.55
C LEU A 439 9.55 25.57 0.82
N ASP A 440 10.05 26.43 1.70
CA ASP A 440 9.47 27.77 1.97
C ASP A 440 9.50 28.57 0.65
N TYR A 441 10.64 28.56 -0.04
CA TYR A 441 10.85 29.31 -1.30
C TYR A 441 9.80 28.87 -2.34
N VAL A 442 9.60 27.57 -2.55
CA VAL A 442 8.62 27.08 -3.56
C VAL A 442 7.21 27.47 -3.14
N ASN A 443 6.93 27.45 -1.84
CA ASN A 443 5.58 27.72 -1.33
C ASN A 443 5.38 29.25 -1.28
N SER A 444 6.40 30.04 -1.65
CA SER A 444 6.30 31.53 -1.63
C SER A 444 5.81 32.05 -2.99
N LEU A 445 5.53 31.15 -3.94
CA LEU A 445 5.04 31.49 -5.30
C LEU A 445 6.02 32.43 -5.99
N PRO A 446 7.22 31.95 -6.30
CA PRO A 446 8.04 32.60 -7.31
C PRO A 446 7.23 32.67 -8.60
N LEU A 447 7.53 33.68 -9.43
CA LEU A 447 6.72 33.99 -10.63
C LEU A 447 6.42 32.71 -11.45
N PHE A 448 7.40 31.87 -11.67
CA PHE A 448 7.30 30.59 -12.43
C PHE A 448 6.13 29.74 -11.90
N VAL A 449 6.07 29.57 -10.58
CA VAL A 449 5.02 28.71 -9.93
C VAL A 449 3.68 29.44 -9.91
N ARG A 450 3.70 30.74 -9.61
CA ARG A 450 2.46 31.55 -9.57
C ARG A 450 1.78 31.51 -10.94
N ALA A 451 2.57 31.64 -12.00
CA ALA A 451 2.06 31.59 -13.38
C ALA A 451 1.34 30.25 -13.61
N SER A 452 2.00 29.13 -13.29
CA SER A 452 1.40 27.78 -13.47
C SER A 452 0.08 27.66 -12.71
N CYS A 453 0.07 28.02 -11.44
CA CYS A 453 -1.14 27.87 -10.60
C CYS A 453 -2.29 28.77 -11.11
N ILE A 454 -2.00 30.03 -11.44
CA ILE A 454 -3.03 30.95 -11.97
C ILE A 454 -3.57 30.36 -13.28
N LEU A 455 -2.65 29.89 -14.12
CA LEU A 455 -3.04 29.27 -15.42
C LEU A 455 -3.98 28.10 -15.18
N CYS A 456 -3.61 27.19 -14.26
CA CYS A 456 -4.47 26.02 -14.01
C CYS A 456 -5.89 26.44 -13.58
N ARG A 457 -6.01 27.48 -12.73
CA ARG A 457 -7.30 28.01 -12.25
C ARG A 457 -8.04 28.68 -13.38
N ILE A 458 -7.40 29.53 -14.13
CA ILE A 458 -8.12 30.29 -15.20
C ILE A 458 -8.54 29.29 -16.29
N ILE A 459 -7.68 28.36 -16.63
CA ILE A 459 -8.02 27.36 -17.68
C ILE A 459 -9.24 26.54 -17.25
N ASN A 460 -9.25 26.07 -16.01
CA ASN A 460 -10.41 25.34 -15.45
C ASN A 460 -11.67 26.22 -15.54
N ASP A 461 -11.58 27.49 -15.15
CA ASP A 461 -12.75 28.41 -15.15
C ASP A 461 -13.29 28.63 -16.57
N LEU A 462 -12.42 28.62 -17.58
CA LEU A 462 -12.81 28.86 -18.98
C LEU A 462 -13.52 27.62 -19.54
N GLY A 463 -13.32 26.46 -18.91
CA GLY A 463 -13.90 25.21 -19.40
C GLY A 463 -15.36 25.01 -19.05
N THR A 464 -15.95 25.94 -18.29
CA THR A 464 -17.36 25.84 -17.83
C THR A 464 -18.30 26.35 -18.91
N SER A 465 -19.41 25.63 -19.14
CA SER A 465 -20.39 26.03 -20.19
C SER A 465 -21.54 26.93 -19.72
N PRO A 466 -22.69 26.46 -19.18
CA PRO A 466 -23.86 27.32 -18.90
C PRO A 466 -23.96 27.80 -17.45
N ASP A 467 -23.06 28.70 -17.04
CA ASP A 467 -23.05 29.19 -15.64
C ASP A 467 -22.97 28.00 -14.67
N ASP A 473 -23.03 32.14 -10.52
CA ASP A 473 -21.81 31.82 -9.73
C ASP A 473 -20.83 32.99 -9.88
N ASN A 474 -20.86 33.90 -8.90
CA ASN A 474 -20.04 35.14 -8.83
C ASN A 474 -18.58 34.79 -8.56
N LEU A 475 -18.28 33.53 -8.20
CA LEU A 475 -16.92 33.07 -7.78
C LEU A 475 -16.28 32.22 -8.88
N LYS A 476 -16.33 32.65 -10.14
CA LYS A 476 -15.40 32.15 -11.17
C LYS A 476 -14.86 33.35 -11.95
N SER A 477 -13.70 33.16 -12.58
CA SER A 477 -12.92 34.18 -13.31
C SER A 477 -13.84 35.07 -14.17
N ILE A 478 -14.64 34.47 -15.04
CA ILE A 478 -15.37 35.22 -16.10
C ILE A 478 -16.37 36.15 -15.39
N GLN A 479 -17.15 35.63 -14.44
CA GLN A 479 -18.20 36.40 -13.73
C GLN A 479 -17.54 37.47 -12.86
N CYS A 480 -16.41 37.17 -12.21
CA CYS A 480 -15.71 38.17 -11.37
C CYS A 480 -15.33 39.35 -12.26
N TYR A 481 -14.80 39.11 -13.46
CA TYR A 481 -14.36 40.18 -14.37
C TYR A 481 -15.60 40.90 -14.92
N MET A 482 -16.64 40.16 -15.35
CA MET A 482 -17.95 40.74 -15.72
C MET A 482 -18.39 41.73 -14.63
N ASN A 483 -18.36 41.32 -13.37
CA ASN A 483 -18.85 42.13 -12.23
C ASN A 483 -17.95 43.35 -12.08
N GLU A 484 -16.65 43.19 -12.24
CA GLU A 484 -15.67 44.29 -12.08
C GLU A 484 -16.00 45.42 -13.05
N ALA A 485 -15.98 45.09 -14.35
CA ALA A 485 -15.79 46.04 -15.47
C ALA A 485 -17.12 46.30 -16.18
N GLY A 486 -18.23 45.74 -15.68
CA GLY A 486 -19.55 45.77 -16.34
C GLY A 486 -19.55 45.03 -17.68
N ALA A 487 -18.55 44.19 -17.94
CA ALA A 487 -18.32 43.55 -19.26
C ALA A 487 -19.36 42.45 -19.51
N SER A 488 -19.63 42.16 -20.78
CA SER A 488 -20.40 40.97 -21.25
C SER A 488 -19.63 39.68 -20.92
N GLN A 489 -20.33 38.54 -20.94
CA GLN A 489 -19.74 37.19 -20.89
C GLN A 489 -18.70 37.05 -22.00
N GLU A 490 -19.04 37.44 -23.23
CA GLU A 490 -18.14 37.29 -24.42
C GLU A 490 -16.88 38.13 -24.22
N VAL A 491 -17.02 39.37 -23.76
CA VAL A 491 -15.86 40.30 -23.65
C VAL A 491 -14.97 39.83 -22.48
N ALA A 492 -15.60 39.36 -21.41
CA ALA A 492 -14.94 38.88 -20.17
C ALA A 492 -14.15 37.60 -20.49
N ARG A 493 -14.74 36.66 -21.23
CA ARG A 493 -14.06 35.42 -21.67
C ARG A 493 -12.84 35.78 -22.52
N GLU A 494 -12.99 36.75 -23.43
CA GLU A 494 -11.89 37.24 -24.28
C GLU A 494 -10.80 37.81 -23.38
N HIS A 495 -11.17 38.58 -22.37
CA HIS A 495 -10.19 39.12 -21.39
C HIS A 495 -9.40 37.94 -20.71
N ILE A 496 -10.10 36.90 -20.25
CA ILE A 496 -9.49 35.77 -19.47
C ILE A 496 -8.57 34.96 -20.40
N GLU A 497 -8.99 34.80 -21.65
CA GLU A 497 -8.20 34.14 -22.72
C GLU A 497 -6.90 34.88 -22.91
N GLY A 498 -6.94 36.22 -22.93
CA GLY A 498 -5.75 37.06 -22.99
C GLY A 498 -4.84 36.88 -21.81
N LEU A 499 -5.42 36.73 -20.61
CA LEU A 499 -4.61 36.44 -19.39
C LEU A 499 -3.91 35.09 -19.55
N VAL A 500 -4.59 34.10 -20.14
CA VAL A 500 -3.95 32.77 -20.39
C VAL A 500 -2.70 32.99 -21.23
N ARG A 501 -2.82 33.76 -22.34
CA ARG A 501 -1.70 33.96 -23.31
C ARG A 501 -0.59 34.73 -22.60
N MET A 502 -0.94 35.71 -21.78
CA MET A 502 0.05 36.52 -21.04
C MET A 502 0.82 35.65 -20.05
N TRP A 503 0.16 34.83 -19.25
CA TRP A 503 0.88 34.00 -18.23
C TRP A 503 1.72 32.92 -18.90
N TRP A 504 1.29 32.39 -20.06
CA TRP A 504 2.15 31.49 -20.85
C TRP A 504 3.43 32.21 -21.27
N LYS A 505 3.32 33.43 -21.76
CA LYS A 505 4.54 34.20 -22.14
C LYS A 505 5.52 34.30 -20.96
N ARG A 506 5.04 34.48 -19.73
CA ARG A 506 5.93 34.60 -18.54
C ARG A 506 6.53 33.24 -18.23
N LEU A 507 5.70 32.20 -18.33
CA LEU A 507 6.19 30.81 -18.18
C LEU A 507 7.35 30.58 -19.15
N ASN A 508 7.13 30.88 -20.43
CA ASN A 508 8.12 30.65 -21.50
C ASN A 508 9.41 31.42 -21.18
N LYS A 509 9.29 32.68 -20.78
CA LYS A 509 10.51 33.47 -20.52
C LYS A 509 11.20 32.93 -19.26
N CYS A 510 10.44 32.47 -18.25
CA CYS A 510 11.07 31.90 -17.02
C CYS A 510 12.00 30.75 -17.40
N LEU A 511 11.73 29.99 -18.45
CA LEU A 511 12.59 28.81 -18.78
C LEU A 511 13.93 29.24 -19.39
N PHE A 512 14.04 30.48 -19.85
CA PHE A 512 15.32 30.99 -20.40
C PHE A 512 16.14 31.53 -19.23
N GLU A 513 15.56 31.57 -18.05
CA GLU A 513 16.30 31.95 -16.82
C GLU A 513 15.70 31.08 -15.71
N PRO A 514 15.86 29.74 -15.72
CA PRO A 514 15.13 28.86 -14.76
C PRO A 514 15.47 29.19 -13.30
N SER A 515 16.60 29.87 -13.11
CA SER A 515 16.96 30.38 -11.77
C SER A 515 17.10 29.24 -10.77
N PRO A 516 16.43 29.13 -9.60
CA PRO A 516 16.76 28.06 -8.66
C PRO A 516 16.18 26.69 -9.06
N PHE A 517 15.32 26.65 -10.06
CA PHE A 517 14.63 25.38 -10.38
C PHE A 517 15.38 24.54 -11.40
N ALA A 518 15.24 23.23 -11.28
CA ALA A 518 15.87 22.29 -12.21
C ALA A 518 14.87 21.19 -12.58
N GLU A 519 15.23 20.35 -13.53
CA GLU A 519 14.43 19.15 -13.85
C GLU A 519 14.43 18.26 -12.61
N PRO A 520 13.34 17.52 -12.34
CA PRO A 520 12.15 17.52 -13.21
C PRO A 520 11.07 18.55 -12.87
N PHE A 521 11.25 19.32 -11.79
CA PHE A 521 10.27 20.32 -11.35
C PHE A 521 9.97 21.33 -12.46
N LEU A 522 10.96 21.72 -13.27
CA LEU A 522 10.69 22.67 -14.38
C LEU A 522 9.58 22.10 -15.27
N SER A 523 9.68 20.83 -15.65
CA SER A 523 8.68 20.13 -16.52
C SER A 523 7.33 20.01 -15.80
N PHE A 524 7.34 19.61 -14.53
CA PHE A 524 6.10 19.49 -13.72
C PHE A 524 5.29 20.78 -13.82
N THR A 525 5.93 21.91 -13.59
CA THR A 525 5.26 23.24 -13.49
C THR A 525 4.59 23.55 -14.83
N VAL A 526 5.22 23.24 -15.94
CA VAL A 526 4.64 23.54 -17.27
C VAL A 526 3.56 22.48 -17.56
N ASN A 527 3.84 21.23 -17.25
CA ASN A 527 2.97 20.09 -17.67
C ASN A 527 1.65 20.07 -16.90
N VAL A 528 1.57 20.68 -15.70
CA VAL A 528 0.26 20.76 -15.01
C VAL A 528 -0.60 21.71 -15.80
N VAL A 529 -0.01 22.70 -16.44
CA VAL A 529 -0.80 23.66 -17.26
C VAL A 529 -1.36 22.93 -18.49
N ARG A 530 -0.51 22.17 -19.15
CA ARG A 530 -0.91 21.34 -20.33
C ARG A 530 -2.02 20.35 -19.93
N GLY A 531 -1.89 19.69 -18.78
CA GLY A 531 -2.96 18.85 -18.24
C GLY A 531 -4.28 19.60 -18.17
N SER A 532 -4.25 20.80 -17.63
CA SER A 532 -5.46 21.65 -17.50
C SER A 532 -6.07 21.94 -18.86
N HIS A 533 -5.29 22.40 -19.83
CA HIS A 533 -5.80 22.70 -21.19
C HIS A 533 -6.49 21.46 -21.76
N PHE A 534 -5.88 20.30 -21.58
CA PHE A 534 -6.29 19.06 -22.27
C PHE A 534 -7.59 18.59 -21.65
N PHE A 535 -7.67 18.64 -20.32
CA PHE A 535 -8.85 18.14 -19.57
C PHE A 535 -9.96 19.19 -19.42
N TYR A 536 -9.77 20.40 -19.89
CA TYR A 536 -10.83 21.44 -19.79
C TYR A 536 -11.01 22.15 -21.12
N GLN A 537 -11.09 21.39 -22.20
CA GLN A 537 -11.33 21.96 -23.54
C GLN A 537 -12.78 22.45 -23.53
N TYR A 538 -13.00 23.66 -24.04
CA TYR A 538 -14.32 24.33 -24.10
C TYR A 538 -15.05 23.87 -25.36
N ALA A 545 -18.09 13.99 -23.15
CA ALA A 545 -17.38 14.50 -21.94
C ALA A 545 -16.81 13.32 -21.16
N GLU A 546 -17.68 12.58 -20.47
CA GLU A 546 -17.20 11.31 -19.83
C GLU A 546 -16.81 10.39 -20.98
N SER A 547 -17.54 10.47 -22.08
CA SER A 547 -17.21 9.67 -23.29
C SER A 547 -15.81 10.02 -23.77
N TRP A 548 -15.51 11.31 -23.85
CA TRP A 548 -14.16 11.75 -24.27
C TRP A 548 -13.12 11.26 -23.25
N THR A 549 -13.41 11.38 -21.96
CA THR A 549 -12.46 10.98 -20.90
C THR A 549 -12.19 9.49 -21.00
N LYS A 550 -13.24 8.70 -21.22
CA LYS A 550 -13.10 7.24 -21.31
C LYS A 550 -12.28 6.90 -22.56
N LYS A 551 -12.58 7.56 -23.67
CA LYS A 551 -11.80 7.32 -24.91
C LYS A 551 -10.33 7.58 -24.61
N GLN A 552 -10.05 8.69 -23.93
CA GLN A 552 -8.63 9.05 -23.66
C GLN A 552 -8.00 8.01 -22.72
N GLY A 553 -8.68 7.65 -21.63
CA GLY A 553 -8.18 6.63 -20.68
C GLY A 553 -8.03 5.27 -21.33
N MET A 554 -8.96 4.91 -22.22
CA MET A 554 -8.93 3.62 -22.97
C MET A 554 -7.68 3.58 -23.83
N SER A 555 -7.42 4.60 -24.63
CA SER A 555 -6.32 4.51 -25.63
C SER A 555 -4.95 4.72 -24.94
N VAL A 556 -4.89 5.43 -23.81
CA VAL A 556 -3.58 5.78 -23.21
C VAL A 556 -3.22 4.78 -22.10
N LEU A 557 -4.19 4.29 -21.33
CA LEU A 557 -3.91 3.49 -20.12
C LEU A 557 -4.30 2.01 -20.30
N ILE A 558 -5.40 1.72 -20.99
CA ILE A 558 -6.06 0.37 -20.94
C ILE A 558 -5.59 -0.49 -22.12
N HIS A 559 -5.71 0.01 -23.35
CA HIS A 559 -5.51 -0.77 -24.60
C HIS A 559 -4.12 -0.55 -25.16
N PRO A 560 -3.28 -1.61 -25.23
CA PRO A 560 -1.98 -1.51 -25.87
C PRO A 560 -2.19 -1.17 -27.36
N ILE A 561 -1.23 -0.50 -27.96
CA ILE A 561 -1.22 -0.26 -29.43
C ILE A 561 -0.96 -1.62 -30.10
N PRO A 562 -1.79 -2.03 -31.08
CA PRO A 562 -1.52 -3.22 -31.86
C PRO A 562 -0.17 -3.11 -32.60
N LEU A 563 0.73 -4.03 -32.32
CA LEU A 563 2.02 -4.17 -33.05
C LEU A 563 1.83 -5.16 -34.22
N ASN A 564 2.53 -4.93 -35.32
CA ASN A 564 2.72 -5.91 -36.42
C ASN A 564 4.16 -6.45 -36.25
N GLU A 565 4.40 -7.19 -35.16
CA GLU A 565 5.70 -7.82 -34.81
C GLU A 565 5.46 -9.26 -34.31
N TYR B 34 21.53 -19.53 -7.53
CA TYR B 34 21.88 -19.50 -6.08
C TYR B 34 20.63 -19.74 -5.23
N PRO B 35 20.76 -20.33 -4.01
CA PRO B 35 19.59 -20.63 -3.18
C PRO B 35 18.81 -19.37 -2.81
N PRO B 36 17.45 -19.36 -2.97
CA PRO B 36 16.64 -18.21 -2.60
C PRO B 36 16.79 -17.95 -1.10
N ASN B 37 17.10 -16.72 -0.70
CA ASN B 37 17.31 -16.31 0.72
C ASN B 37 15.97 -15.83 1.31
N LEU B 38 15.42 -16.57 2.28
CA LEU B 38 14.15 -16.24 3.01
C LEU B 38 14.27 -14.87 3.67
N TRP B 39 15.49 -14.44 4.01
CA TRP B 39 15.71 -13.11 4.65
C TRP B 39 15.91 -12.03 3.57
N ASP B 40 15.92 -12.35 2.28
CA ASP B 40 16.20 -11.33 1.23
C ASP B 40 14.88 -10.64 0.85
N TYR B 41 14.69 -9.37 1.20
CA TYR B 41 13.44 -8.61 0.93
C TYR B 41 13.26 -8.45 -0.58
N GLU B 42 14.35 -8.51 -1.35
CA GLU B 42 14.34 -8.53 -2.84
C GLU B 42 13.54 -9.77 -3.27
N PHE B 43 13.93 -10.93 -2.74
CA PHE B 43 13.23 -12.21 -2.97
C PHE B 43 11.80 -12.10 -2.43
N LEU B 44 11.63 -11.61 -1.22
CA LEU B 44 10.29 -11.66 -0.55
C LEU B 44 9.34 -10.77 -1.35
N GLN B 45 9.82 -9.62 -1.84
CA GLN B 45 8.98 -8.65 -2.59
C GLN B 45 8.49 -9.28 -3.87
N SER B 46 9.20 -10.28 -4.40
CA SER B 46 8.88 -10.94 -5.69
C SER B 46 7.76 -11.98 -5.52
N LEU B 47 7.40 -12.32 -4.29
CA LEU B 47 6.35 -13.35 -4.03
C LEU B 47 4.93 -12.77 -4.28
N GLY B 48 4.04 -13.59 -4.85
CA GLY B 48 2.70 -13.19 -5.31
C GLY B 48 2.54 -13.38 -6.80
N ASP B 49 3.46 -12.80 -7.59
CA ASP B 49 3.52 -12.92 -9.08
C ASP B 49 3.69 -14.40 -9.47
N HIS B 57 -6.71 -26.08 -10.60
CA HIS B 57 -6.78 -27.14 -9.57
C HIS B 57 -7.82 -26.73 -8.52
N LEU B 58 -8.30 -25.49 -8.57
CA LEU B 58 -9.36 -25.00 -7.63
C LEU B 58 -10.63 -25.81 -7.84
N LYS B 59 -10.88 -26.25 -9.06
CA LYS B 59 -12.08 -27.05 -9.37
C LYS B 59 -11.98 -28.39 -8.66
N LEU B 60 -10.83 -29.04 -8.77
CA LEU B 60 -10.62 -30.34 -8.10
C LEU B 60 -10.70 -30.14 -6.59
N ALA B 61 -10.26 -28.99 -6.09
CA ALA B 61 -10.31 -28.69 -4.64
C ALA B 61 -11.75 -28.66 -4.17
N ASP B 62 -12.61 -27.95 -4.90
CA ASP B 62 -14.03 -27.82 -4.50
C ASP B 62 -14.69 -29.19 -4.63
N LYS B 63 -14.27 -29.99 -5.61
CA LYS B 63 -14.80 -31.36 -5.78
C LYS B 63 -14.37 -32.21 -4.57
N LEU B 64 -13.07 -32.25 -4.29
CA LEU B 64 -12.54 -33.10 -3.18
C LEU B 64 -13.02 -32.57 -1.83
N LYS B 65 -13.25 -31.26 -1.68
CA LYS B 65 -13.81 -30.71 -0.43
C LYS B 65 -15.17 -31.35 -0.15
N GLU B 66 -16.03 -31.42 -1.18
CA GLU B 66 -17.35 -32.06 -1.02
C GLU B 66 -17.21 -33.56 -0.75
N GLU B 67 -16.20 -34.20 -1.34
CA GLU B 67 -15.95 -35.63 -1.06
C GLU B 67 -15.56 -35.78 0.41
N VAL B 68 -14.70 -34.88 0.90
CA VAL B 68 -14.23 -34.92 2.32
C VAL B 68 -15.40 -34.56 3.23
N LYS B 69 -16.18 -33.54 2.87
CA LYS B 69 -17.45 -33.17 3.56
C LYS B 69 -18.31 -34.44 3.74
N SER B 70 -18.43 -35.26 2.70
CA SER B 70 -19.24 -36.51 2.70
C SER B 70 -18.62 -37.55 3.64
N LEU B 71 -17.30 -37.66 3.71
CA LEU B 71 -16.61 -38.62 4.62
C LEU B 71 -16.82 -38.25 6.08
N ILE B 72 -16.84 -36.96 6.43
CA ILE B 72 -17.06 -36.48 7.83
C ILE B 72 -18.53 -36.72 8.22
N LYS B 73 -19.45 -36.66 7.26
CA LYS B 73 -20.92 -36.85 7.46
C LYS B 73 -21.32 -38.33 7.46
N GLN B 74 -20.63 -39.18 6.69
CA GLN B 74 -21.03 -40.60 6.50
C GLN B 74 -20.92 -41.35 7.83
N THR B 75 -21.71 -42.41 8.00
CA THR B 75 -21.71 -43.24 9.22
C THR B 75 -20.40 -44.01 9.30
N MET B 76 -19.73 -43.97 10.44
CA MET B 76 -18.58 -44.84 10.80
C MET B 76 -18.77 -45.30 12.25
N GLU B 77 -17.98 -46.28 12.69
CA GLU B 77 -17.83 -46.60 14.13
C GLU B 77 -17.43 -45.32 14.86
N PRO B 78 -17.88 -45.11 16.11
CA PRO B 78 -17.65 -43.85 16.81
C PRO B 78 -16.16 -43.57 16.98
N LEU B 79 -15.33 -44.61 17.10
CA LEU B 79 -13.87 -44.39 17.30
C LEU B 79 -13.27 -43.93 15.99
N THR B 80 -13.67 -44.59 14.89
CA THR B 80 -13.17 -44.33 13.53
C THR B 80 -13.52 -42.88 13.14
N LYS B 81 -14.69 -42.41 13.54
CA LYS B 81 -15.16 -41.01 13.35
C LYS B 81 -14.19 -40.06 14.05
N LEU B 82 -13.98 -40.24 15.37
CA LEU B 82 -13.08 -39.35 16.16
C LEU B 82 -11.72 -39.27 15.46
N GLU B 83 -11.18 -40.42 15.07
CA GLU B 83 -9.86 -40.54 14.42
C GLU B 83 -9.87 -39.73 13.12
N PHE B 84 -10.96 -39.84 12.35
CA PHE B 84 -11.11 -39.15 11.04
C PHE B 84 -11.10 -37.63 11.27
N ILE B 85 -11.88 -37.09 12.20
CA ILE B 85 -11.94 -35.62 12.42
C ILE B 85 -10.65 -35.12 13.13
N ASP B 86 -10.01 -35.93 13.96
CA ASP B 86 -8.68 -35.56 14.51
C ASP B 86 -7.72 -35.40 13.30
N THR B 87 -7.85 -36.28 12.32
CA THR B 87 -6.95 -36.27 11.15
C THR B 87 -7.22 -34.98 10.39
N VAL B 88 -8.51 -34.66 10.20
CA VAL B 88 -8.93 -33.43 9.47
C VAL B 88 -8.28 -32.23 10.18
N ARG B 89 -8.41 -32.16 11.52
CA ARG B 89 -7.83 -31.07 12.33
C ARG B 89 -6.32 -30.98 12.07
N ARG B 90 -5.62 -32.08 12.20
CA ARG B 90 -4.14 -32.10 12.18
C ARG B 90 -3.63 -31.74 10.78
N LEU B 91 -4.40 -32.03 9.72
CA LEU B 91 -4.09 -31.62 8.32
C LEU B 91 -4.40 -30.12 8.13
N GLY B 92 -4.80 -29.45 9.19
CA GLY B 92 -5.05 -27.99 9.19
C GLY B 92 -6.33 -27.65 8.42
N LEU B 93 -7.28 -28.58 8.32
CA LEU B 93 -8.46 -28.44 7.42
C LEU B 93 -9.74 -28.16 8.21
N LYS B 94 -9.68 -28.13 9.54
CA LYS B 94 -10.92 -27.95 10.35
C LYS B 94 -11.64 -26.67 9.88
N TYR B 95 -10.89 -25.61 9.57
CA TYR B 95 -11.48 -24.28 9.17
C TYR B 95 -12.38 -24.46 7.93
N GLN B 96 -12.17 -25.52 7.15
CA GLN B 96 -12.98 -25.81 5.93
C GLN B 96 -14.26 -26.58 6.30
N PHE B 97 -14.36 -27.13 7.52
CA PHE B 97 -15.44 -28.09 7.86
C PHE B 97 -15.91 -27.89 9.30
N GLU B 98 -15.96 -26.65 9.81
CA GLU B 98 -16.25 -26.39 11.24
C GLU B 98 -17.59 -27.05 11.63
N THR B 99 -18.57 -27.07 10.73
CA THR B 99 -19.96 -27.45 11.05
C THR B 99 -20.07 -28.98 10.99
N GLU B 100 -19.49 -29.60 9.96
CA GLU B 100 -19.44 -31.07 9.78
C GLU B 100 -18.63 -31.71 10.92
N VAL B 101 -17.58 -31.04 11.40
CA VAL B 101 -16.71 -31.62 12.46
C VAL B 101 -17.43 -31.52 13.79
N LYS B 102 -18.02 -30.37 14.12
CA LYS B 102 -18.78 -30.18 15.39
C LYS B 102 -19.92 -31.20 15.48
N GLU B 103 -20.67 -31.38 14.39
CA GLU B 103 -21.89 -32.24 14.38
C GLU B 103 -21.43 -33.71 14.52
N ALA B 104 -20.34 -34.09 13.85
CA ALA B 104 -19.62 -35.37 14.06
C ALA B 104 -19.33 -35.55 15.55
N VAL B 105 -18.68 -34.59 16.20
CA VAL B 105 -18.29 -34.66 17.65
C VAL B 105 -19.54 -34.72 18.55
N VAL B 106 -20.58 -33.94 18.25
CA VAL B 106 -21.84 -33.95 19.03
C VAL B 106 -22.49 -35.34 18.90
N MET B 107 -22.56 -35.88 17.67
CA MET B 107 -23.13 -37.22 17.37
C MET B 107 -22.42 -38.27 18.24
N VAL B 108 -21.10 -38.15 18.40
CA VAL B 108 -20.29 -39.15 19.14
C VAL B 108 -20.56 -38.98 20.64
N SER B 109 -20.71 -37.75 21.11
CA SER B 109 -21.00 -37.44 22.54
C SER B 109 -22.39 -37.98 22.95
N LYS B 110 -23.28 -38.23 21.98
CA LYS B 110 -24.67 -38.76 22.22
C LYS B 110 -24.74 -40.27 22.01
N TYR B 111 -23.80 -40.87 21.26
CA TYR B 111 -23.71 -42.34 21.05
C TYR B 111 -23.77 -43.00 22.44
N GLU B 112 -24.82 -43.80 22.65
CA GLU B 112 -25.36 -44.13 23.99
C GLU B 112 -24.53 -45.29 24.58
N ASN B 113 -24.19 -46.30 23.77
CA ASN B 113 -23.39 -47.48 24.18
C ASN B 113 -21.91 -47.09 24.30
N ASP B 114 -21.31 -47.21 25.50
CA ASP B 114 -19.92 -46.79 25.83
C ASP B 114 -18.91 -47.92 25.61
N ALA B 115 -19.34 -49.10 25.15
CA ALA B 115 -18.50 -50.32 25.05
C ALA B 115 -17.29 -50.02 24.15
N TRP B 116 -17.41 -49.06 23.23
CA TRP B 116 -16.38 -48.79 22.18
C TRP B 116 -15.12 -48.10 22.76
N TRP B 117 -15.15 -47.51 23.97
CA TRP B 117 -13.96 -46.83 24.57
C TRP B 117 -13.62 -47.31 25.99
N ILE B 118 -14.60 -47.79 26.78
CA ILE B 118 -14.37 -48.35 28.15
C ILE B 118 -13.24 -49.40 28.06
N ASP B 119 -12.19 -49.26 28.87
CA ASP B 119 -11.02 -50.20 28.95
C ASP B 119 -10.09 -50.10 27.71
N ASN B 120 -10.42 -49.26 26.73
CA ASN B 120 -9.53 -48.98 25.57
C ASN B 120 -8.85 -47.63 25.84
N LEU B 121 -7.56 -47.62 26.18
CA LEU B 121 -6.81 -46.42 26.62
C LEU B 121 -6.79 -45.37 25.49
N HIS B 122 -6.44 -45.80 24.27
CA HIS B 122 -6.40 -44.94 23.05
C HIS B 122 -7.75 -44.21 22.93
N ALA B 123 -8.84 -44.99 22.87
CA ALA B 123 -10.22 -44.54 22.60
C ALA B 123 -10.74 -43.64 23.73
N THR B 124 -10.50 -44.00 24.99
CA THR B 124 -10.88 -43.20 26.19
C THR B 124 -10.19 -41.83 26.10
N SER B 125 -8.90 -41.85 25.75
CA SER B 125 -8.01 -40.67 25.71
C SER B 125 -8.43 -39.77 24.53
N LEU B 126 -8.64 -40.35 23.35
CA LEU B 126 -9.00 -39.57 22.14
C LEU B 126 -10.37 -38.92 22.39
N ARG B 127 -11.34 -39.67 22.94
CA ARG B 127 -12.70 -39.16 23.26
C ARG B 127 -12.61 -37.99 24.23
N PHE B 128 -11.88 -38.16 25.35
CA PHE B 128 -11.62 -37.08 26.34
C PHE B 128 -11.20 -35.79 25.61
N ARG B 129 -10.13 -35.87 24.84
CA ARG B 129 -9.46 -34.69 24.23
C ARG B 129 -10.39 -34.05 23.22
N ILE B 130 -10.90 -34.84 22.28
CA ILE B 130 -11.76 -34.30 21.18
C ILE B 130 -12.99 -33.64 21.80
N MET B 131 -13.62 -34.29 22.77
CA MET B 131 -14.79 -33.73 23.51
C MET B 131 -14.40 -32.38 24.13
N ARG B 132 -13.36 -32.32 24.95
CA ARG B 132 -12.95 -31.07 25.65
C ARG B 132 -12.58 -29.99 24.61
N GLU B 133 -11.91 -30.40 23.51
CA GLU B 133 -11.53 -29.51 22.38
C GLU B 133 -12.80 -28.82 21.85
N ASN B 134 -13.95 -29.46 22.00
CA ASN B 134 -15.20 -28.94 21.40
C ASN B 134 -16.13 -28.44 22.49
N GLY B 135 -15.60 -28.15 23.67
CA GLY B 135 -16.37 -27.55 24.79
C GLY B 135 -17.39 -28.53 25.39
N ILE B 136 -17.29 -29.83 25.10
CA ILE B 136 -18.09 -30.88 25.77
C ILE B 136 -17.25 -31.49 26.88
N PHE B 137 -17.64 -31.22 28.12
CA PHE B 137 -16.91 -31.67 29.33
C PHE B 137 -16.97 -33.19 29.39
N VAL B 138 -15.81 -33.76 29.69
CA VAL B 138 -15.60 -35.16 30.10
C VAL B 138 -14.76 -35.08 31.35
N PRO B 139 -15.15 -35.78 32.44
CA PRO B 139 -14.41 -35.73 33.68
C PRO B 139 -13.13 -36.56 33.49
N GLN B 140 -12.12 -36.23 34.27
CA GLN B 140 -10.83 -36.95 34.32
C GLN B 140 -11.05 -38.40 34.79
N ASP B 141 -12.20 -38.70 35.39
CA ASP B 141 -12.49 -40.04 35.98
C ASP B 141 -12.68 -41.08 34.86
N VAL B 142 -12.77 -40.69 33.58
CA VAL B 142 -12.89 -41.66 32.45
C VAL B 142 -11.59 -42.47 32.36
N PHE B 143 -10.53 -42.05 33.06
CA PHE B 143 -9.20 -42.69 33.10
C PHE B 143 -9.07 -43.48 34.41
N GLU B 144 -10.20 -43.91 34.97
CA GLU B 144 -10.26 -44.73 36.21
C GLU B 144 -9.92 -46.19 35.88
N ARG B 145 -10.55 -46.74 34.85
CA ARG B 145 -10.31 -48.09 34.27
C ARG B 145 -8.81 -48.44 34.17
N PHE B 146 -7.93 -47.44 33.99
CA PHE B 146 -6.47 -47.57 33.66
C PHE B 146 -5.58 -47.28 34.86
N LYS B 147 -6.18 -46.86 35.97
CA LYS B 147 -5.41 -46.58 37.20
C LYS B 147 -6.11 -47.29 38.35
N ASP B 148 -5.39 -47.51 39.44
CA ASP B 148 -5.97 -47.79 40.79
C ASP B 148 -5.54 -46.65 41.73
N THR B 149 -5.77 -46.81 43.03
CA THR B 149 -5.42 -45.80 44.08
C THR B 149 -3.90 -45.52 44.06
N ASP B 150 -3.09 -46.43 43.52
CA ASP B 150 -1.60 -46.30 43.48
C ASP B 150 -1.16 -45.60 42.18
N GLY B 151 -2.06 -45.48 41.18
CA GLY B 151 -1.82 -44.72 39.93
C GLY B 151 -2.04 -45.54 38.68
N PHE B 152 -1.45 -45.11 37.55
CA PHE B 152 -1.53 -45.82 36.25
C PHE B 152 -0.75 -47.15 36.33
N LYS B 153 -1.43 -48.22 35.93
CA LYS B 153 -0.99 -49.65 35.95
C LYS B 153 0.19 -49.81 34.99
N ASN B 154 1.37 -50.20 35.50
CA ASN B 154 2.66 -50.25 34.76
C ASN B 154 2.51 -51.14 33.52
N GLN B 155 1.45 -51.96 33.47
CA GLN B 155 1.10 -52.86 32.34
C GLN B 155 1.01 -52.07 31.02
N LEU B 156 0.51 -50.83 31.06
CA LEU B 156 0.16 -50.00 29.86
C LEU B 156 1.42 -49.58 29.06
N CYS B 157 2.63 -49.97 29.51
CA CYS B 157 3.96 -49.52 28.99
C CYS B 157 4.24 -50.08 27.58
N GLU B 158 3.51 -51.13 27.19
CA GLU B 158 3.63 -51.81 25.87
C GLU B 158 2.71 -51.12 24.86
N ASP B 159 1.68 -50.39 25.35
CA ASP B 159 0.51 -49.91 24.56
C ASP B 159 0.79 -48.50 24.00
N VAL B 160 1.64 -48.43 22.98
CA VAL B 160 2.27 -47.17 22.50
C VAL B 160 1.16 -46.23 22.02
N LYS B 161 0.23 -46.70 21.19
CA LYS B 161 -0.89 -45.87 20.66
C LYS B 161 -1.62 -45.26 21.87
N GLY B 162 -2.05 -46.12 22.81
CA GLY B 162 -2.71 -45.74 24.06
C GLY B 162 -1.93 -44.69 24.84
N LEU B 163 -0.64 -44.92 25.06
CA LEU B 163 0.23 -44.00 25.86
C LEU B 163 0.26 -42.63 25.17
N LEU B 164 0.27 -42.61 23.84
CA LEU B 164 0.47 -41.35 23.07
C LEU B 164 -0.83 -40.53 23.20
N SER B 165 -1.99 -41.16 22.95
CA SER B 165 -3.33 -40.55 23.09
C SER B 165 -3.55 -40.04 24.52
N LEU B 166 -3.08 -40.80 25.51
CA LEU B 166 -3.19 -40.41 26.95
C LEU B 166 -2.40 -39.13 27.15
N TYR B 167 -1.12 -39.17 26.79
CA TYR B 167 -0.20 -38.01 26.83
C TYR B 167 -0.88 -36.78 26.17
N GLU B 168 -1.41 -36.89 24.94
CA GLU B 168 -2.00 -35.71 24.22
C GLU B 168 -3.23 -35.19 24.99
N ALA B 169 -4.10 -36.09 25.47
CA ALA B 169 -5.35 -35.78 26.22
C ALA B 169 -5.03 -35.03 27.51
N SER B 170 -3.91 -35.34 28.15
CA SER B 170 -3.56 -34.82 29.49
C SER B 170 -3.50 -33.28 29.47
N PHE B 171 -3.10 -32.68 28.34
CA PHE B 171 -2.91 -31.21 28.23
C PHE B 171 -4.26 -30.47 28.10
N LEU B 172 -5.39 -31.19 27.97
CA LEU B 172 -6.74 -30.57 27.97
C LEU B 172 -7.26 -30.38 29.39
N GLY B 173 -6.41 -30.63 30.38
CA GLY B 173 -6.77 -30.64 31.81
C GLY B 173 -6.87 -29.25 32.39
N TRP B 174 -7.58 -29.12 33.52
CA TRP B 174 -7.76 -27.89 34.32
C TRP B 174 -7.01 -28.02 35.63
N GLU B 175 -6.95 -26.93 36.40
CA GLU B 175 -6.32 -26.94 37.74
C GLU B 175 -7.07 -27.91 38.65
N GLY B 176 -6.37 -28.52 39.60
CA GLY B 176 -6.91 -29.53 40.53
C GLY B 176 -7.49 -30.73 39.81
N GLU B 177 -7.21 -30.94 38.52
CA GLU B 177 -7.56 -32.22 37.87
C GLU B 177 -6.31 -33.12 37.92
N ASP B 178 -6.08 -33.77 39.07
CA ASP B 178 -4.75 -34.34 39.43
C ASP B 178 -4.56 -35.70 38.72
N ILE B 179 -5.63 -36.40 38.30
CA ILE B 179 -5.51 -37.65 37.49
C ILE B 179 -4.85 -37.32 36.13
N LEU B 180 -5.17 -36.16 35.56
CA LEU B 180 -4.64 -35.70 34.25
C LEU B 180 -3.16 -35.37 34.38
N ASP B 181 -2.75 -34.73 35.49
CA ASP B 181 -1.32 -34.49 35.81
C ASP B 181 -0.54 -35.81 35.85
N GLU B 182 -1.07 -36.80 36.57
CA GLU B 182 -0.43 -38.14 36.70
C GLU B 182 -0.35 -38.83 35.33
N ALA B 183 -1.40 -38.75 34.50
CA ALA B 183 -1.39 -39.34 33.12
C ALA B 183 -0.19 -38.79 32.35
N ARG B 184 0.15 -37.50 32.54
CA ARG B 184 1.18 -36.77 31.75
C ARG B 184 2.55 -37.32 32.17
N THR B 185 2.88 -37.19 33.45
CA THR B 185 4.20 -37.59 34.02
C THR B 185 4.44 -39.07 33.63
N PHE B 186 3.40 -39.90 33.74
CA PHE B 186 3.43 -41.37 33.47
C PHE B 186 3.64 -41.63 31.98
N ALA B 187 2.77 -41.07 31.13
CA ALA B 187 2.78 -41.27 29.66
C ALA B 187 4.13 -40.79 29.14
N THR B 188 4.64 -39.69 29.69
CA THR B 188 5.92 -39.07 29.25
C THR B 188 7.05 -40.06 29.51
N SER B 189 7.13 -40.60 30.74
CA SER B 189 8.16 -41.60 31.13
C SER B 189 8.06 -42.83 30.23
N LYS B 190 6.90 -43.44 30.12
CA LYS B 190 6.75 -44.69 29.33
C LYS B 190 7.11 -44.43 27.86
N LEU B 191 6.77 -43.24 27.33
CA LEU B 191 6.98 -42.91 25.89
C LEU B 191 8.47 -42.69 25.64
N LYS B 192 9.16 -41.96 26.51
CA LYS B 192 10.63 -41.76 26.45
C LYS B 192 11.34 -43.13 26.41
N SER B 193 10.87 -44.07 27.22
CA SER B 193 11.52 -45.38 27.44
C SER B 193 11.44 -46.24 26.18
N ILE B 194 10.36 -46.14 25.36
CA ILE B 194 10.16 -47.00 24.16
C ILE B 194 10.57 -46.29 22.87
N GLU B 195 10.95 -45.01 22.91
CA GLU B 195 10.93 -44.12 21.71
C GLU B 195 11.52 -44.83 20.48
N GLY B 196 12.81 -45.18 20.48
CA GLY B 196 13.50 -45.72 19.28
C GLY B 196 13.16 -47.19 19.04
N LYS B 197 12.08 -47.69 19.62
CA LYS B 197 11.73 -49.14 19.65
C LYS B 197 10.30 -49.33 19.12
N ILE B 198 9.83 -48.42 18.26
CA ILE B 198 8.44 -48.48 17.73
C ILE B 198 8.50 -48.87 16.25
N PRO B 199 7.93 -50.03 15.88
CA PRO B 199 8.02 -50.53 14.50
C PRO B 199 7.28 -49.68 13.46
N SER B 200 6.06 -49.23 13.79
CA SER B 200 5.21 -48.36 12.94
C SER B 200 5.96 -47.06 12.62
N PRO B 201 6.25 -46.77 11.33
CA PRO B 201 6.92 -45.52 10.97
C PRO B 201 6.17 -44.27 11.47
N SER B 202 4.85 -44.18 11.20
CA SER B 202 4.02 -42.99 11.51
C SER B 202 3.89 -42.83 13.03
N LEU B 203 3.69 -43.94 13.78
CA LEU B 203 3.54 -43.88 15.26
C LEU B 203 4.88 -43.47 15.90
N ALA B 204 6.00 -43.89 15.34
CA ALA B 204 7.35 -43.51 15.85
C ALA B 204 7.56 -42.01 15.67
N LYS B 205 7.22 -41.50 14.48
CA LYS B 205 7.36 -40.06 14.17
C LYS B 205 6.48 -39.25 15.15
N LYS B 206 5.24 -39.68 15.36
CA LYS B 206 4.23 -38.97 16.22
C LYS B 206 4.72 -38.95 17.65
N VAL B 207 5.23 -40.06 18.18
CA VAL B 207 5.76 -40.11 19.58
C VAL B 207 6.88 -39.08 19.74
N SER B 208 7.85 -39.05 18.81
CA SER B 208 9.04 -38.14 18.92
C SER B 208 8.59 -36.68 18.85
N HIS B 209 7.67 -36.41 17.95
CA HIS B 209 7.03 -35.08 17.73
C HIS B 209 6.29 -34.65 19.01
N ALA B 210 5.45 -35.52 19.57
CA ALA B 210 4.64 -35.22 20.79
C ALA B 210 5.53 -34.91 21.98
N LEU B 211 6.61 -35.67 22.17
CA LEU B 211 7.55 -35.49 23.31
C LEU B 211 8.25 -34.12 23.18
N ASP B 212 8.54 -33.63 21.97
CA ASP B 212 9.06 -32.23 21.82
C ASP B 212 7.95 -31.23 22.19
N LEU B 213 6.75 -31.37 21.63
CA LEU B 213 5.62 -30.48 21.99
C LEU B 213 4.35 -31.29 21.85
N PRO B 214 3.44 -31.27 22.85
CA PRO B 214 2.15 -31.89 22.65
C PRO B 214 1.39 -31.17 21.52
N LEU B 215 0.51 -31.90 20.85
CA LEU B 215 -0.33 -31.38 19.78
C LEU B 215 -1.03 -30.10 20.25
N HIS B 216 -1.40 -30.02 21.53
CA HIS B 216 -2.26 -28.93 22.07
C HIS B 216 -1.48 -27.63 22.09
N TRP B 217 -0.15 -27.71 22.10
CA TRP B 217 0.74 -26.55 22.24
C TRP B 217 1.30 -26.17 20.86
N ARG B 218 0.98 -26.93 19.83
CA ARG B 218 1.54 -26.68 18.46
C ARG B 218 0.59 -25.74 17.70
N THR B 219 1.14 -25.01 16.72
CA THR B 219 0.35 -24.14 15.84
C THR B 219 -0.42 -25.05 14.90
N ILE B 220 -1.53 -24.56 14.36
CA ILE B 220 -2.28 -25.32 13.32
C ILE B 220 -1.44 -25.41 12.04
N ARG B 221 -0.97 -24.29 11.51
CA ARG B 221 -0.50 -24.23 10.10
C ARG B 221 0.86 -24.95 9.99
N TYR B 222 1.78 -24.75 10.93
CA TYR B 222 3.09 -25.45 10.88
C TYR B 222 2.89 -26.96 11.10
N GLU B 223 1.93 -27.33 11.93
CA GLU B 223 1.65 -28.76 12.19
C GLU B 223 1.06 -29.36 10.92
N ALA B 224 0.24 -28.60 10.20
CA ALA B 224 -0.45 -29.13 8.99
C ALA B 224 0.61 -29.62 7.98
N ARG B 225 1.64 -28.82 7.74
CA ARG B 225 2.73 -29.15 6.77
C ARG B 225 3.41 -30.46 7.22
N TRP B 226 3.82 -30.52 8.48
CA TRP B 226 4.41 -31.72 9.10
C TRP B 226 3.48 -32.93 8.94
N PHE B 227 2.24 -32.78 9.37
CA PHE B 227 1.32 -33.93 9.47
C PHE B 227 0.99 -34.46 8.07
N ILE B 228 0.96 -33.63 7.03
CA ILE B 228 0.68 -34.11 5.63
C ILE B 228 1.67 -35.25 5.29
N ASP B 229 2.95 -35.07 5.64
CA ASP B 229 4.04 -36.07 5.40
C ASP B 229 3.78 -37.34 6.23
N THR B 230 3.59 -37.20 7.54
CA THR B 230 3.34 -38.31 8.50
C THR B 230 2.10 -39.08 8.08
N TYR B 231 0.97 -38.40 7.91
CA TYR B 231 -0.32 -39.02 7.50
C TYR B 231 -0.13 -39.94 6.27
N GLU B 232 0.62 -39.48 5.28
CA GLU B 232 0.85 -40.23 4.02
C GLU B 232 1.46 -41.61 4.36
N GLU B 233 2.19 -41.71 5.47
CA GLU B 233 2.90 -42.93 5.95
C GLU B 233 1.95 -43.87 6.70
N GLU B 234 0.80 -43.38 7.18
CA GLU B 234 -0.10 -44.16 8.07
C GLU B 234 -0.70 -45.33 7.28
N GLU B 235 -1.09 -46.38 8.02
CA GLU B 235 -1.77 -47.58 7.50
C GLU B 235 -3.18 -47.19 7.02
N ASP B 236 -3.89 -46.35 7.76
CA ASP B 236 -5.33 -46.04 7.53
C ASP B 236 -5.49 -44.74 6.72
N VAL B 237 -4.50 -44.40 5.88
CA VAL B 237 -4.45 -43.11 5.13
C VAL B 237 -5.65 -43.09 4.15
N ASN B 238 -6.43 -42.02 4.17
CA ASN B 238 -7.52 -41.83 3.17
C ASN B 238 -6.97 -40.90 2.08
N LEU B 239 -6.80 -41.43 0.87
CA LEU B 239 -6.10 -40.78 -0.27
C LEU B 239 -6.88 -39.56 -0.75
N THR B 240 -8.21 -39.56 -0.63
CA THR B 240 -9.06 -38.38 -0.93
C THR B 240 -8.70 -37.27 0.06
N LEU B 241 -8.65 -37.58 1.37
CA LEU B 241 -8.33 -36.60 2.42
C LEU B 241 -6.88 -36.13 2.20
N LEU B 242 -5.95 -37.04 1.93
CA LEU B 242 -4.54 -36.66 1.71
C LEU B 242 -4.41 -35.74 0.48
N ARG B 243 -5.08 -36.07 -0.63
CA ARG B 243 -4.99 -35.26 -1.88
C ARG B 243 -5.57 -33.86 -1.61
N TYR B 244 -6.71 -33.75 -0.91
CA TYR B 244 -7.33 -32.45 -0.58
C TYR B 244 -6.43 -31.65 0.38
N ALA B 245 -5.79 -32.30 1.36
CA ALA B 245 -4.90 -31.63 2.33
C ALA B 245 -3.80 -30.89 1.56
N LYS B 246 -3.20 -31.58 0.58
CA LYS B 246 -2.08 -31.04 -0.22
C LYS B 246 -2.63 -29.88 -1.04
N LEU B 247 -3.77 -30.09 -1.72
CA LEU B 247 -4.33 -29.07 -2.65
C LEU B 247 -4.70 -27.81 -1.85
N ASP B 248 -5.39 -27.96 -0.73
CA ASP B 248 -5.82 -26.80 0.10
C ASP B 248 -4.56 -26.11 0.65
N PHE B 249 -3.55 -26.89 1.05
CA PHE B 249 -2.32 -26.30 1.66
C PHE B 249 -1.67 -25.35 0.64
N ASN B 250 -1.51 -25.82 -0.59
CA ASN B 250 -0.87 -25.05 -1.70
C ASN B 250 -1.75 -23.83 -2.05
N ILE B 251 -3.08 -23.96 -2.01
CA ILE B 251 -4.01 -22.84 -2.32
C ILE B 251 -3.82 -21.75 -1.24
N VAL B 252 -3.85 -22.17 0.03
CA VAL B 252 -3.68 -21.25 1.19
C VAL B 252 -2.28 -20.66 1.11
N GLN B 253 -1.27 -21.47 0.80
CA GLN B 253 0.13 -20.96 0.70
C GLN B 253 0.17 -19.81 -0.32
N SER B 254 -0.51 -19.92 -1.47
CA SER B 254 -0.47 -18.89 -2.53
C SER B 254 -1.05 -17.58 -1.99
N PHE B 255 -2.09 -17.64 -1.16
CA PHE B 255 -2.63 -16.47 -0.42
C PHE B 255 -1.54 -15.81 0.44
N HIS B 256 -0.84 -16.60 1.26
CA HIS B 256 0.25 -16.12 2.17
C HIS B 256 1.38 -15.48 1.35
N GLN B 257 1.69 -16.04 0.19
CA GLN B 257 2.79 -15.49 -0.62
C GLN B 257 2.42 -14.09 -1.07
N LYS B 258 1.16 -13.87 -1.46
CA LYS B 258 0.74 -12.51 -1.89
C LYS B 258 0.87 -11.57 -0.71
N GLU B 259 0.52 -12.04 0.49
CA GLU B 259 0.60 -11.22 1.72
C GLU B 259 2.07 -10.85 1.98
N ILE B 260 2.96 -11.81 1.86
CA ILE B 260 4.40 -11.52 2.17
C ILE B 260 4.95 -10.53 1.14
N GLY B 261 4.51 -10.61 -0.12
CA GLY B 261 4.95 -9.61 -1.13
C GLY B 261 4.54 -8.19 -0.72
N ARG B 262 3.27 -7.99 -0.39
CA ARG B 262 2.70 -6.69 0.04
C ARG B 262 3.43 -6.23 1.28
N LEU B 263 3.58 -7.10 2.29
CA LEU B 263 4.25 -6.71 3.58
C LEU B 263 5.73 -6.38 3.36
N SER B 264 6.43 -7.13 2.52
CA SER B 264 7.87 -6.89 2.22
C SER B 264 8.03 -5.54 1.51
N ARG B 265 7.15 -5.24 0.54
CA ARG B 265 7.14 -3.92 -0.16
C ARG B 265 6.89 -2.80 0.85
N TRP B 266 5.94 -3.00 1.78
CA TRP B 266 5.68 -2.02 2.87
C TRP B 266 6.94 -1.84 3.71
N TRP B 267 7.53 -2.94 4.18
CA TRP B 267 8.71 -2.87 5.07
C TRP B 267 9.86 -2.13 4.37
N VAL B 268 10.18 -2.49 3.13
CA VAL B 268 11.25 -1.78 2.36
C VAL B 268 10.87 -0.29 2.21
N GLY B 269 9.58 -0.02 1.99
CA GLY B 269 9.02 1.34 1.96
C GLY B 269 9.22 2.11 3.25
N THR B 270 9.25 1.44 4.41
CA THR B 270 9.50 2.15 5.69
C THR B 270 10.99 2.47 5.84
N GLY B 271 11.86 1.75 5.14
CA GLY B 271 13.32 1.92 5.29
C GLY B 271 13.87 1.20 6.51
N LEU B 272 13.00 0.53 7.28
CA LEU B 272 13.43 -0.11 8.56
C LEU B 272 14.24 -1.39 8.30
N ASP B 273 14.23 -1.91 7.08
CA ASP B 273 15.06 -3.08 6.72
C ASP B 273 16.53 -2.66 6.71
N LYS B 274 16.80 -1.38 6.50
CA LYS B 274 18.19 -0.88 6.37
C LYS B 274 18.70 -0.37 7.71
N MET B 275 17.93 -0.58 8.76
CA MET B 275 18.33 -0.03 10.06
C MET B 275 19.34 -0.95 10.72
N PRO B 276 20.14 -0.48 11.70
CA PRO B 276 20.94 -1.38 12.52
C PRO B 276 19.86 -1.98 13.43
N PHE B 277 20.16 -2.51 14.60
CA PHE B 277 19.07 -3.16 15.38
C PHE B 277 18.17 -4.02 14.47
N ALA B 278 18.75 -4.63 13.46
CA ALA B 278 17.94 -5.41 12.51
C ALA B 278 17.80 -6.83 13.04
N ARG B 279 16.76 -7.53 12.62
CA ARG B 279 16.57 -8.91 13.07
C ARG B 279 15.63 -9.59 12.09
N ASN B 280 15.68 -9.22 10.81
CA ASN B 280 14.67 -9.78 9.86
C ASN B 280 13.29 -9.58 10.50
N GLY B 281 13.03 -8.41 11.08
CA GLY B 281 11.75 -8.13 11.77
C GLY B 281 10.49 -8.54 11.03
N LEU B 282 10.27 -8.08 9.81
CA LEU B 282 8.97 -8.36 9.12
C LEU B 282 8.79 -9.86 8.88
N ILE B 283 9.78 -10.53 8.29
CA ILE B 283 9.59 -11.97 7.94
C ILE B 283 9.38 -12.79 9.24
N GLN B 284 10.11 -12.48 10.30
CA GLN B 284 9.92 -13.18 11.59
C GLN B 284 8.49 -12.91 12.08
N SER B 285 8.09 -11.64 12.08
CA SER B 285 6.74 -11.26 12.57
C SER B 285 5.71 -12.03 11.75
N TYR B 286 5.90 -12.06 10.45
CA TYR B 286 4.90 -12.72 9.60
C TYR B 286 4.85 -14.20 9.97
N MET B 287 6.00 -14.82 10.19
CA MET B 287 6.08 -16.28 10.49
C MET B 287 5.34 -16.59 11.82
N TYR B 288 5.41 -15.69 12.79
CA TYR B 288 4.62 -15.72 14.04
C TYR B 288 3.12 -15.57 13.74
N ALA B 289 2.77 -14.55 12.97
CA ALA B 289 1.38 -14.20 12.63
C ALA B 289 0.70 -15.43 12.05
N ILE B 290 1.42 -16.20 11.27
CA ILE B 290 0.87 -17.42 10.62
C ILE B 290 0.47 -18.44 11.70
N GLY B 291 1.21 -18.48 12.82
CA GLY B 291 0.84 -19.32 13.99
C GLY B 291 -0.42 -18.80 14.67
N MET B 292 -0.55 -17.48 14.74
CA MET B 292 -1.69 -16.81 15.42
C MET B 292 -2.94 -17.00 14.57
N LEU B 293 -2.85 -16.79 13.26
CA LEU B 293 -3.99 -17.01 12.34
C LEU B 293 -3.50 -17.24 10.91
N PHE B 294 -3.97 -18.27 10.23
CA PHE B 294 -3.45 -18.67 8.89
C PHE B 294 -4.54 -18.56 7.83
N GLU B 295 -5.81 -18.45 8.25
CA GLU B 295 -6.99 -18.62 7.35
C GLU B 295 -6.95 -17.53 6.29
N PRO B 296 -7.11 -17.84 5.00
CA PRO B 296 -7.18 -16.81 3.96
C PRO B 296 -8.17 -15.68 4.27
N ASN B 297 -9.29 -16.02 4.89
CA ASN B 297 -10.42 -15.07 5.11
C ASN B 297 -10.03 -14.05 6.20
N LEU B 298 -8.94 -14.29 6.95
CA LEU B 298 -8.41 -13.30 7.94
C LEU B 298 -7.17 -12.57 7.40
N GLY B 299 -6.99 -12.51 6.07
CA GLY B 299 -5.78 -11.98 5.43
C GLY B 299 -5.43 -10.58 5.90
N GLU B 300 -6.37 -9.66 5.81
CA GLU B 300 -6.11 -8.24 6.16
C GLU B 300 -5.72 -8.11 7.62
N VAL B 301 -6.42 -8.80 8.51
CA VAL B 301 -6.08 -8.75 9.96
C VAL B 301 -4.67 -9.32 10.15
N ARG B 302 -4.39 -10.44 9.53
CA ARG B 302 -3.02 -11.04 9.61
C ARG B 302 -1.95 -10.01 9.18
N GLU B 303 -2.17 -9.32 8.05
CA GLU B 303 -1.16 -8.35 7.55
C GLU B 303 -0.94 -7.26 8.61
N MET B 304 -2.02 -6.73 9.17
CA MET B 304 -1.90 -5.66 10.18
C MET B 304 -1.24 -6.20 11.45
N GLU B 305 -1.55 -7.43 11.88
CA GLU B 305 -0.85 -8.02 13.05
C GLU B 305 0.64 -8.17 12.72
N ALA B 306 0.97 -8.64 11.53
CA ALA B 306 2.39 -8.81 11.09
C ALA B 306 3.11 -7.47 11.13
N LYS B 307 2.45 -6.38 10.69
CA LYS B 307 3.07 -5.04 10.76
C LYS B 307 3.34 -4.68 12.21
N VAL B 308 2.35 -4.85 13.07
CA VAL B 308 2.54 -4.42 14.48
C VAL B 308 3.68 -5.24 15.09
N GLY B 309 3.69 -6.55 14.84
CA GLY B 309 4.77 -7.43 15.33
C GLY B 309 6.14 -6.91 14.91
N ALA B 310 6.28 -6.52 13.64
CA ALA B 310 7.56 -6.06 13.07
C ALA B 310 7.97 -4.78 13.79
N LEU B 311 7.01 -3.95 14.17
CA LEU B 311 7.30 -2.66 14.82
C LEU B 311 7.63 -2.90 16.28
N ILE B 312 7.00 -3.87 16.94
CA ILE B 312 7.29 -4.18 18.36
C ILE B 312 8.75 -4.64 18.46
N THR B 313 9.15 -5.61 17.64
CA THR B 313 10.54 -6.15 17.65
C THR B 313 11.51 -5.00 17.40
N THR B 314 11.20 -4.15 16.43
CA THR B 314 12.07 -3.01 16.06
C THR B 314 12.18 -1.99 17.21
N ILE B 315 11.08 -1.59 17.81
CA ILE B 315 11.10 -0.51 18.84
C ILE B 315 11.64 -1.05 20.17
N ASP B 316 11.40 -2.32 20.44
CA ASP B 316 12.00 -2.95 21.64
C ASP B 316 13.51 -2.80 21.54
N ASP B 317 14.08 -3.09 20.36
CA ASP B 317 15.54 -2.94 20.15
C ASP B 317 15.93 -1.47 20.27
N VAL B 318 15.08 -0.57 19.82
CA VAL B 318 15.35 0.88 20.00
C VAL B 318 15.48 1.17 21.49
N TYR B 319 14.56 0.65 22.30
CA TYR B 319 14.59 0.97 23.75
C TYR B 319 15.67 0.15 24.47
N ASP B 320 15.95 -1.06 24.01
CA ASP B 320 16.87 -1.97 24.75
C ASP B 320 18.31 -1.88 24.29
N VAL B 321 18.59 -1.40 23.09
CA VAL B 321 19.98 -1.50 22.57
C VAL B 321 20.49 -0.18 21.96
N TYR B 322 19.65 0.56 21.24
CA TYR B 322 20.17 1.70 20.46
C TYR B 322 19.86 3.07 21.08
N GLY B 323 18.69 3.23 21.68
CA GLY B 323 18.29 4.58 22.13
C GLY B 323 18.92 5.10 23.39
N THR B 324 19.36 6.35 23.37
CA THR B 324 19.85 7.02 24.61
C THR B 324 18.64 7.35 25.50
N MET B 325 18.89 7.63 26.78
CA MET B 325 17.91 8.01 27.82
C MET B 325 17.03 9.17 27.34
N GLU B 326 17.62 10.26 26.90
CA GLU B 326 16.89 11.50 26.48
C GLU B 326 16.05 11.18 25.21
N GLU B 327 16.56 10.31 24.34
CA GLU B 327 15.88 9.92 23.07
C GLU B 327 14.61 9.12 23.39
N LEU B 328 14.69 8.17 24.33
CA LEU B 328 13.58 7.26 24.67
C LEU B 328 12.45 8.04 25.35
N GLU B 329 12.77 9.12 26.07
CA GLU B 329 11.76 9.93 26.79
C GLU B 329 10.95 10.73 25.77
N LEU B 330 11.61 11.25 24.74
CA LEU B 330 10.93 12.00 23.64
C LEU B 330 10.02 11.05 22.88
N PHE B 331 10.55 9.89 22.45
CA PHE B 331 9.78 8.81 21.79
C PHE B 331 8.51 8.52 22.59
N THR B 332 8.68 8.15 23.87
CA THR B 332 7.58 7.85 24.83
C THR B 332 6.61 9.03 24.91
N ASP B 333 7.11 10.25 25.12
CA ASP B 333 6.27 11.48 25.19
C ASP B 333 5.52 11.69 23.87
N ILE B 334 6.19 11.55 22.72
CA ILE B 334 5.52 11.76 21.40
C ILE B 334 4.36 10.77 21.30
N THR B 335 4.62 9.51 21.65
CA THR B 335 3.62 8.41 21.62
C THR B 335 2.47 8.75 22.57
N ASN B 336 2.77 9.13 23.82
CA ASN B 336 1.75 9.44 24.87
C ASN B 336 0.79 10.49 24.33
N ARG B 337 1.31 11.56 23.73
CA ARG B 337 0.49 12.72 23.34
C ARG B 337 -0.03 12.55 21.89
N TRP B 338 0.43 11.52 21.17
CA TRP B 338 0.09 11.32 19.72
C TRP B 338 0.29 12.64 18.97
N ASP B 339 1.44 13.25 19.15
CA ASP B 339 1.81 14.58 18.61
C ASP B 339 3.26 14.48 18.14
N ILE B 340 3.45 14.47 16.82
CA ILE B 340 4.77 14.24 16.17
C ILE B 340 5.45 15.58 15.85
N SER B 341 4.95 16.71 16.37
CA SER B 341 5.58 18.05 16.24
C SER B 341 7.11 18.00 16.46
N LYS B 342 7.56 17.28 17.49
CA LYS B 342 8.97 17.27 17.95
C LYS B 342 9.74 16.09 17.37
N ALA B 343 9.16 15.30 16.47
CA ALA B 343 9.82 14.13 15.85
C ALA B 343 11.24 14.53 15.36
N ASP B 344 11.37 15.73 14.82
CA ASP B 344 12.61 16.19 14.14
C ASP B 344 13.75 16.34 15.16
N GLN B 345 13.46 16.33 16.46
CA GLN B 345 14.48 16.36 17.53
C GLN B 345 15.12 14.98 17.69
N LEU B 346 14.53 13.93 17.11
CA LEU B 346 15.09 12.56 17.14
C LEU B 346 15.94 12.34 15.89
N PRO B 347 17.09 11.66 16.05
CA PRO B 347 17.90 11.27 14.90
C PRO B 347 17.11 10.31 14.00
N ARG B 348 17.55 10.26 12.75
CA ARG B 348 16.95 9.50 11.64
C ARG B 348 16.57 8.10 12.13
N ASN B 349 17.53 7.39 12.73
CA ASN B 349 17.42 5.92 12.97
C ASN B 349 16.42 5.63 14.09
N ILE B 350 16.03 6.66 14.87
CA ILE B 350 14.97 6.63 15.91
C ILE B 350 13.67 7.30 15.38
N ARG B 351 13.78 8.39 14.63
CA ARG B 351 12.61 9.11 14.06
C ARG B 351 11.86 8.17 13.13
N MET B 352 12.56 7.32 12.39
CA MET B 352 11.94 6.46 11.37
C MET B 352 11.07 5.39 12.04
N PRO B 353 11.55 4.62 13.04
CA PRO B 353 10.67 3.69 13.75
C PRO B 353 9.46 4.40 14.36
N LEU B 354 9.68 5.55 14.96
CA LEU B 354 8.63 6.35 15.64
C LEU B 354 7.54 6.72 14.64
N LEU B 355 7.90 7.30 13.50
CA LEU B 355 6.90 7.83 12.54
C LEU B 355 6.23 6.66 11.86
N THR B 356 6.94 5.53 11.74
CA THR B 356 6.34 4.32 11.15
C THR B 356 5.33 3.76 12.14
N MET B 357 5.63 3.80 13.43
CA MET B 357 4.70 3.29 14.47
C MET B 357 3.44 4.16 14.41
N PHE B 358 3.63 5.46 14.41
CA PHE B 358 2.55 6.47 14.31
C PHE B 358 1.72 6.23 13.05
N ASN B 359 2.37 6.15 11.89
CA ASN B 359 1.67 6.01 10.59
C ASN B 359 0.91 4.71 10.52
N THR B 360 1.52 3.60 10.94
CA THR B 360 0.88 2.26 10.94
C THR B 360 -0.28 2.20 11.93
N SER B 361 -0.13 2.78 13.11
CA SER B 361 -1.21 2.82 14.13
C SER B 361 -2.41 3.61 13.57
N ASN B 362 -2.13 4.73 12.88
CA ASN B 362 -3.17 5.56 12.25
C ASN B 362 -3.82 4.74 11.16
N ASP B 363 -3.05 3.99 10.37
CA ASP B 363 -3.64 3.16 9.30
C ASP B 363 -4.54 2.10 9.92
N ILE B 364 -4.10 1.43 10.97
CA ILE B 364 -4.88 0.28 11.53
C ILE B 364 -6.15 0.83 12.19
N GLY B 365 -6.04 1.89 12.95
CA GLY B 365 -7.23 2.54 13.55
C GLY B 365 -8.20 2.98 12.47
N TYR B 366 -7.66 3.46 11.34
CA TYR B 366 -8.47 3.90 10.20
C TYR B 366 -9.18 2.70 9.60
N TRP B 367 -8.48 1.56 9.44
CA TRP B 367 -9.10 0.33 8.89
C TRP B 367 -10.33 -0.05 9.73
N ALA B 368 -10.24 0.13 11.04
CA ALA B 368 -11.37 -0.17 11.95
C ALA B 368 -12.55 0.76 11.61
N LEU B 369 -12.27 2.03 11.34
CA LEU B 369 -13.35 2.98 10.96
C LEU B 369 -13.97 2.53 9.64
N LYS B 370 -13.14 2.36 8.63
CA LYS B 370 -13.60 2.03 7.26
C LYS B 370 -14.40 0.74 7.30
N GLU B 371 -13.87 -0.29 7.93
CA GLU B 371 -14.34 -1.69 7.75
C GLU B 371 -15.30 -2.08 8.88
N ARG B 372 -15.11 -1.56 10.08
CA ARG B 372 -15.83 -2.02 11.29
C ARG B 372 -16.67 -0.88 11.88
N GLY B 373 -16.68 0.30 11.27
CA GLY B 373 -17.54 1.42 11.69
C GLY B 373 -17.08 2.07 12.98
N PHE B 374 -15.83 1.83 13.40
CA PHE B 374 -15.37 2.37 14.69
C PHE B 374 -13.92 2.82 14.56
N ASN B 375 -13.64 4.10 14.78
CA ASN B 375 -12.29 4.71 14.69
C ASN B 375 -11.41 4.06 15.76
N GLY B 376 -10.42 3.28 15.33
CA GLY B 376 -9.55 2.53 16.26
C GLY B 376 -8.30 3.27 16.65
N ILE B 377 -8.10 4.51 16.20
CA ILE B 377 -6.81 5.21 16.44
C ILE B 377 -6.61 5.45 17.92
N PRO B 378 -7.62 5.92 18.69
CA PRO B 378 -7.39 6.08 20.12
C PRO B 378 -6.94 4.75 20.75
N CYS B 379 -7.46 3.61 20.29
CA CYS B 379 -7.12 2.26 20.81
C CYS B 379 -5.66 1.91 20.49
N THR B 380 -5.25 1.96 19.21
CA THR B 380 -3.85 1.64 18.80
C THR B 380 -2.92 2.61 19.49
N ALA B 381 -3.27 3.88 19.62
CA ALA B 381 -2.39 4.84 20.30
C ALA B 381 -2.23 4.43 21.77
N LYS B 382 -3.28 3.91 22.39
CA LYS B 382 -3.23 3.56 23.84
C LYS B 382 -2.33 2.35 24.01
N VAL B 383 -2.48 1.31 23.19
CA VAL B 383 -1.74 0.04 23.43
C VAL B 383 -0.25 0.34 23.22
N TRP B 384 0.10 1.26 22.33
CA TRP B 384 1.52 1.70 22.14
C TRP B 384 2.01 2.49 23.36
N SER B 385 1.26 3.47 23.81
CA SER B 385 1.60 4.21 25.05
C SER B 385 1.80 3.20 26.22
N ASP B 386 0.89 2.24 26.41
CA ASP B 386 1.00 1.23 27.52
C ASP B 386 2.27 0.42 27.31
N GLN B 387 2.53 0.00 26.08
CA GLN B 387 3.72 -0.82 25.78
C GLN B 387 4.97 -0.01 26.14
N LEU B 388 5.03 1.27 25.75
CA LEU B 388 6.25 2.07 26.01
C LEU B 388 6.38 2.28 27.52
N LYS B 389 5.27 2.34 28.25
CA LYS B 389 5.32 2.49 29.74
C LYS B 389 5.97 1.25 30.37
N SER B 390 5.63 0.04 29.89
CA SER B 390 6.31 -1.21 30.28
C SER B 390 7.83 -1.07 30.03
N TYR B 391 8.27 -0.43 28.95
CA TYR B 391 9.70 -0.18 28.67
C TYR B 391 10.27 0.83 29.68
N THR B 392 9.49 1.83 30.09
CA THR B 392 9.99 2.84 31.06
C THR B 392 10.19 2.17 32.42
N LYS B 393 9.35 1.21 32.79
CA LYS B 393 9.46 0.55 34.11
C LYS B 393 10.64 -0.40 34.10
N GLU B 394 10.97 -0.97 32.95
CA GLU B 394 12.16 -1.84 32.87
C GLU B 394 13.37 -1.00 33.24
N ALA B 395 13.48 0.20 32.67
CA ALA B 395 14.64 1.06 32.92
C ALA B 395 14.63 1.65 34.34
N LYS B 396 13.45 1.94 34.89
CA LYS B 396 13.33 2.45 36.28
C LYS B 396 13.76 1.37 37.26
N TRP B 397 13.73 0.12 36.83
CA TRP B 397 14.24 -0.97 37.70
C TRP B 397 15.75 -1.05 37.50
N PHE B 398 16.22 -1.22 36.27
CA PHE B 398 17.68 -1.38 35.99
C PHE B 398 18.49 -0.23 36.60
N HIS B 399 18.08 1.00 36.37
CA HIS B 399 18.89 2.17 36.82
C HIS B 399 18.78 2.35 38.34
N GLU B 400 17.61 2.12 38.93
CA GLU B 400 17.49 2.20 40.41
C GLU B 400 18.03 0.92 41.03
N GLY B 401 18.64 0.05 40.21
CA GLY B 401 19.21 -1.23 40.68
C GLY B 401 18.14 -2.12 41.25
N HIS B 402 16.88 -1.77 41.00
CA HIS B 402 15.78 -2.54 41.60
C HIS B 402 15.70 -3.95 41.02
N LYS B 403 15.46 -4.91 41.87
CA LYS B 403 15.24 -6.32 41.47
C LYS B 403 13.83 -6.73 41.90
N PRO B 404 12.92 -6.95 40.93
CA PRO B 404 11.53 -7.25 41.25
C PRO B 404 11.33 -8.71 41.65
N THR B 405 10.22 -9.01 42.34
CA THR B 405 9.66 -10.38 42.48
C THR B 405 9.28 -10.89 41.08
N LEU B 406 9.16 -12.22 40.94
CA LEU B 406 8.61 -12.87 39.71
C LEU B 406 7.24 -12.26 39.40
N GLU B 407 6.37 -12.10 40.42
CA GLU B 407 5.01 -11.54 40.22
C GLU B 407 5.11 -10.10 39.73
N GLU B 408 6.08 -9.34 40.23
CA GLU B 408 6.29 -7.91 39.87
C GLU B 408 6.75 -7.82 38.41
N TYR B 409 7.83 -8.52 38.07
CA TYR B 409 8.43 -8.56 36.72
C TYR B 409 7.37 -8.99 35.71
N LEU B 410 6.58 -10.03 36.02
CA LEU B 410 5.63 -10.63 35.06
C LEU B 410 4.41 -9.71 34.86
N ASP B 411 4.03 -8.93 35.89
CA ASP B 411 3.01 -7.86 35.74
C ASP B 411 3.45 -6.91 34.61
N ASN B 412 4.75 -6.64 34.49
CA ASN B 412 5.29 -5.64 33.53
C ASN B 412 5.74 -6.37 32.26
N ALA B 413 6.30 -7.56 32.39
CA ALA B 413 6.95 -8.30 31.29
C ALA B 413 5.89 -8.93 30.37
N LEU B 414 4.65 -9.12 30.85
CA LEU B 414 3.50 -9.63 30.05
C LEU B 414 2.97 -8.50 29.14
N VAL B 415 3.20 -7.23 29.51
CA VAL B 415 2.94 -6.04 28.63
C VAL B 415 4.12 -5.85 27.69
N SER B 416 5.37 -5.91 28.17
CA SER B 416 6.57 -5.54 27.36
C SER B 416 6.78 -6.54 26.21
N ILE B 417 6.42 -7.81 26.39
CA ILE B 417 6.52 -8.85 25.33
C ILE B 417 5.67 -8.39 24.11
N GLY B 418 4.61 -7.61 24.35
CA GLY B 418 3.83 -6.94 23.28
C GLY B 418 2.57 -7.70 22.88
N PHE B 419 2.16 -8.73 23.62
CA PHE B 419 0.95 -9.51 23.26
C PHE B 419 -0.33 -8.79 23.68
N PRO B 420 -0.35 -7.89 24.70
CA PRO B 420 -1.50 -7.02 24.87
C PRO B 420 -1.77 -6.17 23.61
N ASN B 421 -0.73 -5.48 23.15
CA ASN B 421 -0.77 -4.67 21.90
C ASN B 421 -1.38 -5.54 20.81
N LEU B 422 -0.76 -6.67 20.50
CA LEU B 422 -1.17 -7.52 19.37
C LEU B 422 -2.61 -8.01 19.56
N LEU B 423 -2.95 -8.49 20.76
CA LEU B 423 -4.26 -9.13 21.01
C LEU B 423 -5.37 -8.08 21.06
N VAL B 424 -5.16 -6.98 21.78
CA VAL B 424 -6.16 -5.87 21.81
C VAL B 424 -6.38 -5.39 20.36
N THR B 425 -5.32 -5.22 19.58
CA THR B 425 -5.44 -4.86 18.13
C THR B 425 -6.27 -5.91 17.43
N SER B 426 -5.99 -7.20 17.64
CA SER B 426 -6.73 -8.27 16.94
C SER B 426 -8.22 -8.20 17.29
N TYR B 427 -8.54 -7.78 18.50
CA TYR B 427 -9.93 -7.70 19.02
C TYR B 427 -10.63 -6.47 18.37
N LEU B 428 -10.02 -5.30 18.45
CA LEU B 428 -10.44 -4.08 17.70
C LEU B 428 -10.84 -4.43 16.25
N LEU B 429 -10.00 -5.20 15.56
CA LEU B 429 -10.22 -5.49 14.12
C LEU B 429 -11.28 -6.57 13.91
N THR B 430 -11.68 -7.37 14.92
CA THR B 430 -12.56 -8.53 14.66
C THR B 430 -13.87 -8.54 15.45
N VAL B 431 -13.94 -7.91 16.60
CA VAL B 431 -15.16 -7.96 17.46
C VAL B 431 -16.35 -7.39 16.71
N GLU B 432 -17.54 -7.99 16.87
CA GLU B 432 -18.80 -7.43 16.29
C GLU B 432 -19.17 -6.19 17.10
N ASN B 433 -19.57 -5.10 16.42
CA ASN B 433 -19.99 -3.84 17.10
C ASN B 433 -18.95 -3.42 18.13
N PRO B 434 -17.72 -3.06 17.71
CA PRO B 434 -16.74 -2.58 18.67
C PRO B 434 -17.26 -1.29 19.29
N THR B 435 -16.84 -1.01 20.52
CA THR B 435 -17.12 0.26 21.23
C THR B 435 -15.93 0.52 22.12
N LYS B 436 -15.77 1.75 22.60
CA LYS B 436 -14.72 2.10 23.58
C LYS B 436 -14.82 1.17 24.80
N GLU B 437 -16.05 0.91 25.27
CA GLU B 437 -16.34 0.16 26.53
C GLU B 437 -15.68 -1.21 26.40
N LYS B 438 -16.05 -1.94 25.35
CA LYS B 438 -15.52 -3.29 25.01
C LYS B 438 -14.00 -3.24 24.86
N LEU B 439 -13.44 -2.14 24.32
CA LEU B 439 -11.96 -2.04 24.12
C LEU B 439 -11.25 -1.74 25.44
N ASP B 440 -11.82 -0.93 26.31
CA ASP B 440 -11.28 -0.72 27.68
C ASP B 440 -11.28 -2.06 28.43
N TYR B 441 -12.29 -2.88 28.22
CA TYR B 441 -12.44 -4.16 28.96
C TYR B 441 -11.31 -5.12 28.53
N VAL B 442 -11.10 -5.33 27.23
CA VAL B 442 -10.03 -6.26 26.76
C VAL B 442 -8.69 -5.71 27.19
N ASN B 443 -8.51 -4.39 27.15
CA ASN B 443 -7.19 -3.78 27.47
C ASN B 443 -6.94 -3.85 28.97
N SER B 444 -7.97 -4.12 29.80
CA SER B 444 -7.79 -4.35 31.26
C SER B 444 -7.13 -5.73 31.48
N LEU B 445 -7.10 -6.59 30.46
CA LEU B 445 -6.47 -7.94 30.47
C LEU B 445 -7.19 -8.80 31.51
N PRO B 446 -8.47 -9.15 31.27
CA PRO B 446 -9.13 -10.14 32.10
C PRO B 446 -8.42 -11.49 31.92
N LEU B 447 -8.76 -12.44 32.78
CA LEU B 447 -7.94 -13.65 33.03
C LEU B 447 -7.56 -14.28 31.69
N PHE B 448 -8.52 -14.49 30.80
CA PHE B 448 -8.31 -15.25 29.54
C PHE B 448 -7.15 -14.62 28.79
N VAL B 449 -7.16 -13.28 28.70
CA VAL B 449 -6.17 -12.51 27.91
C VAL B 449 -4.88 -12.44 28.71
N ARG B 450 -4.98 -12.24 30.03
CA ARG B 450 -3.82 -12.13 30.93
C ARG B 450 -3.01 -13.43 30.92
N ALA B 451 -3.70 -14.59 30.91
CA ALA B 451 -3.10 -15.96 30.89
C ALA B 451 -2.27 -16.15 29.61
N SER B 452 -2.85 -15.83 28.46
CA SER B 452 -2.15 -15.84 27.15
C SER B 452 -0.92 -14.93 27.22
N CYS B 453 -1.05 -13.69 27.67
CA CYS B 453 0.08 -12.74 27.67
C CYS B 453 1.18 -13.23 28.62
N ILE B 454 0.81 -13.73 29.80
CA ILE B 454 1.83 -14.27 30.73
C ILE B 454 2.52 -15.48 30.09
N LEU B 455 1.75 -16.37 29.45
CA LEU B 455 2.28 -17.59 28.79
C LEU B 455 3.30 -17.20 27.73
N CYS B 456 2.97 -16.22 26.88
CA CYS B 456 3.90 -15.75 25.80
C CYS B 456 5.23 -15.29 26.42
N ARG B 457 5.19 -14.43 27.42
CA ARG B 457 6.41 -13.92 28.06
C ARG B 457 7.17 -15.09 28.74
N ILE B 458 6.49 -15.93 29.51
CA ILE B 458 7.18 -17.04 30.24
C ILE B 458 7.83 -17.96 29.20
N ILE B 459 7.09 -18.36 28.17
CA ILE B 459 7.64 -19.33 27.20
C ILE B 459 8.91 -18.74 26.62
N ASN B 460 8.87 -17.46 26.28
CA ASN B 460 10.01 -16.74 25.68
C ASN B 460 11.21 -16.76 26.64
N ASP B 461 11.01 -16.39 27.91
CA ASP B 461 12.06 -16.36 28.96
C ASP B 461 12.68 -17.76 29.17
N LEU B 462 11.92 -18.84 28.96
CA LEU B 462 12.43 -20.23 29.03
C LEU B 462 13.44 -20.53 27.92
N GLY B 463 13.49 -19.74 26.84
CA GLY B 463 14.34 -20.04 25.66
C GLY B 463 15.30 -18.92 25.28
N THR B 464 16.48 -18.85 25.93
CA THR B 464 17.56 -17.88 25.60
C THR B 464 18.86 -18.65 25.34
N LYS B 476 14.04 -12.42 32.04
CA LYS B 476 14.62 -12.50 33.40
C LYS B 476 13.63 -13.21 34.34
N SER B 477 12.78 -14.11 33.84
CA SER B 477 11.86 -14.89 34.70
C SER B 477 12.66 -15.81 35.63
N ILE B 478 13.58 -16.60 35.08
CA ILE B 478 14.39 -17.54 35.90
C ILE B 478 15.24 -16.73 36.89
N GLN B 479 16.00 -15.75 36.42
CA GLN B 479 16.78 -14.87 37.33
C GLN B 479 15.89 -14.28 38.42
N CYS B 480 14.69 -13.83 38.06
CA CYS B 480 13.82 -13.16 39.07
C CYS B 480 13.40 -14.17 40.15
N TYR B 481 13.02 -15.39 39.77
CA TYR B 481 12.54 -16.33 40.81
C TYR B 481 13.73 -16.75 41.66
N MET B 482 14.90 -16.88 41.04
CA MET B 482 16.13 -17.24 41.77
C MET B 482 16.38 -16.17 42.82
N ASN B 483 16.22 -14.88 42.50
CA ASN B 483 16.32 -13.81 43.52
C ASN B 483 14.95 -13.64 44.17
N ALA B 487 16.39 -20.34 45.20
CA ALA B 487 16.71 -21.54 44.38
C ALA B 487 17.79 -21.24 43.34
N SER B 488 18.23 -22.27 42.61
CA SER B 488 19.28 -22.19 41.56
C SER B 488 18.63 -22.24 40.16
N GLN B 489 19.45 -22.11 39.11
CA GLN B 489 19.02 -22.17 37.70
C GLN B 489 18.05 -23.34 37.52
N GLU B 490 18.52 -24.58 37.67
CA GLU B 490 17.77 -25.82 37.32
C GLU B 490 16.41 -25.82 38.02
N VAL B 491 16.34 -25.27 39.24
CA VAL B 491 15.14 -25.40 40.11
C VAL B 491 14.13 -24.31 39.73
N ALA B 492 14.59 -23.12 39.36
CA ALA B 492 13.71 -22.03 38.88
C ALA B 492 13.03 -22.50 37.59
N ARG B 493 13.83 -22.86 36.59
CA ARG B 493 13.36 -23.35 35.27
C ARG B 493 12.21 -24.34 35.48
N GLU B 494 12.44 -25.36 36.30
CA GLU B 494 11.43 -26.41 36.64
C GLU B 494 10.15 -25.74 37.18
N HIS B 495 10.32 -24.66 37.97
CA HIS B 495 9.20 -23.88 38.57
C HIS B 495 8.45 -23.11 37.46
N ILE B 496 9.21 -22.52 36.54
CA ILE B 496 8.64 -21.68 35.46
C ILE B 496 7.91 -22.60 34.47
N GLU B 497 8.51 -23.75 34.12
CA GLU B 497 7.83 -24.82 33.33
C GLU B 497 6.49 -25.14 34.01
N GLY B 498 6.44 -25.11 35.34
CA GLY B 498 5.22 -25.38 36.11
C GLY B 498 4.16 -24.32 35.90
N LEU B 499 4.55 -23.05 35.98
CA LEU B 499 3.67 -21.88 35.67
C LEU B 499 3.08 -22.04 34.26
N VAL B 500 3.87 -22.54 33.30
CA VAL B 500 3.40 -22.78 31.90
C VAL B 500 2.23 -23.75 31.94
N ARG B 501 2.40 -24.90 32.60
CA ARG B 501 1.31 -25.91 32.72
C ARG B 501 0.09 -25.27 33.39
N MET B 502 0.33 -24.46 34.42
CA MET B 502 -0.71 -23.86 35.29
C MET B 502 -1.56 -22.91 34.44
N TRP B 503 -0.90 -21.97 33.78
CA TRP B 503 -1.62 -20.91 33.03
C TRP B 503 -2.38 -21.55 31.87
N TRP B 504 -1.86 -22.66 31.33
CA TRP B 504 -2.50 -23.45 30.24
C TRP B 504 -3.81 -24.06 30.74
N LYS B 505 -3.79 -24.63 31.94
CA LYS B 505 -5.03 -25.13 32.60
C LYS B 505 -6.05 -23.99 32.78
N ARG B 506 -5.62 -22.79 33.14
CA ARG B 506 -6.53 -21.63 33.32
C ARG B 506 -7.09 -21.18 31.97
N LEU B 507 -6.23 -21.14 30.93
CA LEU B 507 -6.67 -20.94 29.52
C LEU B 507 -7.75 -21.95 29.16
N ASN B 508 -7.44 -23.24 29.34
CA ASN B 508 -8.33 -24.36 28.93
C ASN B 508 -9.72 -24.17 29.56
N LYS B 509 -9.74 -23.85 30.86
CA LYS B 509 -10.99 -23.69 31.67
C LYS B 509 -11.78 -22.50 31.12
N CYS B 510 -11.11 -21.37 30.88
CA CYS B 510 -11.71 -20.13 30.32
C CYS B 510 -12.54 -20.46 29.11
N LEU B 511 -12.11 -21.39 28.26
CA LEU B 511 -12.85 -21.72 27.01
C LEU B 511 -14.20 -22.38 27.35
N PHE B 512 -14.40 -22.84 28.58
CA PHE B 512 -15.67 -23.49 28.99
C PHE B 512 -16.59 -22.47 29.68
N GLU B 513 -16.02 -21.36 30.15
CA GLU B 513 -16.67 -20.42 31.10
C GLU B 513 -17.27 -19.26 30.33
N PRO B 514 -18.31 -18.60 30.92
CA PRO B 514 -18.95 -17.43 30.34
C PRO B 514 -17.92 -16.32 30.10
N SER B 515 -18.01 -15.70 28.93
CA SER B 515 -16.95 -14.83 28.35
C SER B 515 -17.61 -13.84 27.40
N PRO B 516 -17.20 -12.56 27.39
CA PRO B 516 -17.68 -11.64 26.35
C PRO B 516 -17.12 -12.07 24.98
N PHE B 517 -16.08 -12.90 24.97
CA PHE B 517 -15.24 -13.15 23.77
C PHE B 517 -15.84 -14.23 22.89
N ALA B 518 -15.66 -14.08 21.58
CA ALA B 518 -16.12 -15.01 20.53
C ALA B 518 -14.95 -15.32 19.60
N GLU B 519 -15.14 -16.28 18.71
CA GLU B 519 -14.27 -16.47 17.54
C GLU B 519 -14.32 -15.18 16.71
N PRO B 520 -13.25 -14.80 15.99
CA PRO B 520 -11.95 -15.50 16.06
C PRO B 520 -10.99 -15.11 17.21
N PHE B 521 -11.35 -14.17 18.07
CA PHE B 521 -10.44 -13.69 19.14
C PHE B 521 -10.10 -14.81 20.16
N LEU B 522 -11.03 -15.73 20.44
CA LEU B 522 -10.74 -16.89 21.35
C LEU B 522 -9.57 -17.70 20.77
N SER B 523 -9.63 -18.01 19.49
CA SER B 523 -8.54 -18.68 18.76
C SER B 523 -7.26 -17.84 18.75
N PHE B 524 -7.34 -16.52 18.47
CA PHE B 524 -6.12 -15.67 18.47
C PHE B 524 -5.39 -15.84 19.80
N THR B 525 -6.13 -15.85 20.89
CA THR B 525 -5.55 -15.71 22.25
C THR B 525 -4.79 -17.00 22.64
N VAL B 526 -5.30 -18.15 22.24
CA VAL B 526 -4.68 -19.48 22.48
C VAL B 526 -3.55 -19.63 21.46
N ASN B 527 -3.76 -19.19 20.21
CA ASN B 527 -2.82 -19.51 19.10
C ASN B 527 -1.54 -18.68 19.22
N VAL B 528 -1.53 -17.50 19.86
CA VAL B 528 -0.24 -16.79 20.08
C VAL B 528 0.63 -17.64 21.02
N VAL B 529 0.01 -18.37 21.93
CA VAL B 529 0.76 -19.16 22.94
C VAL B 529 1.44 -20.30 22.19
N ARG B 530 0.73 -20.96 21.28
CA ARG B 530 1.25 -22.04 20.42
C ARG B 530 2.42 -21.51 19.58
N GLY B 531 2.25 -20.33 18.98
CA GLY B 531 3.31 -19.66 18.23
C GLY B 531 4.56 -19.51 19.07
N SER B 532 4.40 -19.02 20.30
CA SER B 532 5.50 -18.88 21.27
C SER B 532 6.16 -20.26 21.52
N HIS B 533 5.39 -21.29 21.89
CA HIS B 533 5.94 -22.67 22.05
C HIS B 533 6.79 -23.02 20.84
N PHE B 534 6.24 -22.83 19.63
CA PHE B 534 6.85 -23.37 18.41
C PHE B 534 8.15 -22.61 18.10
N PHE B 535 8.18 -21.29 18.31
CA PHE B 535 9.30 -20.44 17.84
C PHE B 535 10.32 -20.12 18.94
N TYR B 536 9.99 -20.26 20.22
CA TYR B 536 10.67 -19.50 21.31
C TYR B 536 12.15 -19.85 21.45
N GLN B 537 12.58 -21.08 21.15
CA GLN B 537 13.99 -21.53 21.37
C GLN B 537 14.82 -21.38 20.08
N TYR B 538 14.27 -20.82 19.01
CA TYR B 538 14.99 -20.62 17.73
C TYR B 538 15.01 -19.12 17.39
N GLY B 539 15.15 -18.26 18.41
CA GLY B 539 15.17 -16.80 18.27
C GLY B 539 16.58 -16.26 18.00
N ASP B 540 17.61 -17.04 18.38
CA ASP B 540 19.02 -16.60 18.51
C ASP B 540 19.52 -15.97 17.19
N GLY B 541 19.03 -16.43 16.03
CA GLY B 541 19.35 -15.83 14.73
C GLY B 541 20.75 -16.20 14.24
N TYR B 542 21.24 -17.38 14.63
CA TYR B 542 22.44 -18.05 14.07
C TYR B 542 22.37 -19.57 14.31
N GLY B 543 23.15 -20.31 13.54
CA GLY B 543 23.43 -21.74 13.77
C GLY B 543 22.18 -22.59 13.61
N ASN B 544 21.95 -23.48 14.57
CA ASN B 544 20.83 -24.46 14.52
C ASN B 544 19.49 -23.70 14.48
N ALA B 545 19.34 -22.70 15.34
CA ALA B 545 18.12 -21.86 15.47
C ALA B 545 17.78 -21.28 14.10
N GLU B 546 18.75 -20.65 13.46
CA GLU B 546 18.53 -19.96 12.17
C GLU B 546 18.14 -20.99 11.11
N SER B 547 18.83 -22.12 11.01
CA SER B 547 18.52 -23.09 9.93
C SER B 547 17.15 -23.76 10.22
N TRP B 548 16.79 -24.01 11.48
CA TRP B 548 15.45 -24.60 11.74
C TRP B 548 14.35 -23.59 11.29
N THR B 549 14.53 -22.30 11.58
CA THR B 549 13.57 -21.21 11.23
C THR B 549 13.45 -21.08 9.70
N LYS B 550 14.59 -20.99 9.01
CA LYS B 550 14.66 -20.92 7.53
C LYS B 550 13.91 -22.12 6.97
N LYS B 551 14.16 -23.32 7.50
CA LYS B 551 13.47 -24.56 7.05
C LYS B 551 11.95 -24.43 7.21
N GLN B 552 11.47 -24.01 8.38
CA GLN B 552 10.01 -23.82 8.65
C GLN B 552 9.47 -22.83 7.61
N GLY B 553 10.19 -21.73 7.45
CA GLY B 553 9.87 -20.67 6.50
C GLY B 553 9.72 -21.23 5.10
N MET B 554 10.73 -21.96 4.64
CA MET B 554 10.78 -22.51 3.27
C MET B 554 9.62 -23.51 3.07
N SER B 555 9.39 -24.47 3.99
CA SER B 555 8.38 -25.53 3.77
C SER B 555 6.94 -24.99 3.83
N VAL B 556 6.64 -24.02 4.72
CA VAL B 556 5.23 -23.57 4.97
C VAL B 556 4.86 -22.36 4.07
N LEU B 557 5.80 -21.44 3.80
CA LEU B 557 5.54 -20.18 3.03
C LEU B 557 5.98 -20.28 1.55
N ILE B 558 7.11 -20.92 1.22
CA ILE B 558 7.78 -20.78 -0.12
C ILE B 558 7.47 -21.97 -1.03
N HIS B 559 7.81 -23.20 -0.60
CA HIS B 559 7.75 -24.41 -1.47
C HIS B 559 6.37 -25.04 -1.41
N PRO B 560 5.67 -25.14 -2.57
CA PRO B 560 4.43 -25.89 -2.63
C PRO B 560 4.71 -27.37 -2.39
N ILE B 561 3.67 -28.09 -1.98
CA ILE B 561 3.72 -29.56 -1.80
C ILE B 561 3.62 -30.17 -3.19
N PRO B 562 4.59 -31.01 -3.61
CA PRO B 562 4.49 -31.65 -4.91
C PRO B 562 3.18 -32.46 -4.88
N LEU B 563 2.42 -32.44 -5.98
CA LEU B 563 1.25 -33.34 -6.17
C LEU B 563 1.72 -34.55 -7.00
N ASN B 564 1.08 -34.84 -8.13
CA ASN B 564 1.14 -36.16 -8.82
C ASN B 564 1.86 -36.02 -10.17
#